data_3CZM
#
_entry.id   3CZM
#
_cell.length_a   140.949
_cell.length_b   140.949
_cell.length_c   75.010
_cell.angle_alpha   90.00
_cell.angle_beta   90.00
_cell.angle_gamma   120.00
#
_symmetry.space_group_name_H-M   'P 3 2 1'
#
loop_
_entity.id
_entity.type
_entity.pdbx_description
1 polymer 'L-lactate dehydrogenase'
2 non-polymer NICOTINAMIDE-ADENINE-DINUCLEOTIDE
3 non-polymer '4-HYDROXY-1,2,5-OXADIAZOLE-3-CARBOXYLIC ACID'
4 water water
#
_entity_poly.entity_id   1
_entity_poly.type   'polypeptide(L)'
_entity_poly.pdbx_seq_one_letter_code
;MTGTVSRRKKIAMIGSGMIGGTMGYLCVLRELADVVLFDVVTGMPEGKALDDSQATSIADTNVSVTSANQYEKIAGSDVV
IITAGLTKVPGKSDKEWSRNDLLPFNAKIIREVAQGVKKYCPLAFVIVVTNPLDCMVKCFHEASGLPKNMVCGMANVLDS
ARFRRFIADQLEISPRDIQATVIGTHGDHMLPLARYVTVNGFPLREFIKKGKMTEAKLAEIVERTKKAGGEIVRLLGQGS
AYYAPALSAITMAQAFLKDEKRVLPCSVYCQGEYGLHDMFIGLPAVIGGGGIEQVIELELTHEEQECFRKSVDDVVELNK
SLAALG
;
_entity_poly.pdbx_strand_id   A,B
#
# COMPACT_ATOMS: atom_id res chain seq x y z
N THR A 4 -27.21 -23.41 -0.97
CA THR A 4 -26.23 -22.32 -0.69
C THR A 4 -26.39 -21.16 -1.68
N VAL A 5 -26.87 -20.03 -1.17
CA VAL A 5 -27.08 -18.85 -1.99
C VAL A 5 -25.74 -18.14 -2.27
N SER A 6 -24.90 -18.05 -1.25
CA SER A 6 -23.60 -17.39 -1.38
C SER A 6 -22.45 -18.37 -1.23
N ARG A 7 -21.91 -18.85 -2.35
CA ARG A 7 -20.82 -19.81 -2.32
C ARG A 7 -19.45 -19.12 -2.25
N ARG A 8 -18.50 -19.79 -1.61
CA ARG A 8 -17.15 -19.27 -1.46
C ARG A 8 -16.41 -19.24 -2.77
N LYS A 9 -15.41 -18.37 -2.85
CA LYS A 9 -14.57 -18.31 -4.04
C LYS A 9 -13.80 -19.61 -4.05
N LYS A 10 -13.40 -20.05 -5.24
CA LYS A 10 -12.67 -21.31 -5.36
C LYS A 10 -11.40 -21.14 -6.21
N ILE A 11 -10.28 -21.55 -5.66
CA ILE A 11 -9.00 -21.45 -6.34
C ILE A 11 -8.34 -22.81 -6.45
N ALA A 12 -7.95 -23.18 -7.66
CA ALA A 12 -7.31 -24.46 -7.89
C ALA A 12 -5.81 -24.27 -8.04
N MET A 13 -5.04 -24.97 -7.21
CA MET A 13 -3.59 -24.88 -7.29
C MET A 13 -3.11 -26.07 -8.11
N ILE A 14 -2.86 -25.86 -9.40
CA ILE A 14 -2.38 -26.93 -10.27
C ILE A 14 -0.88 -27.03 -10.01
N GLY A 15 -0.52 -27.94 -9.11
CA GLY A 15 0.86 -28.10 -8.72
C GLY A 15 0.81 -27.84 -7.23
N SER A 16 1.09 -28.84 -6.42
CA SER A 16 1.02 -28.69 -4.98
C SER A 16 2.38 -28.79 -4.29
N GLY A 17 3.42 -28.24 -4.94
CA GLY A 17 4.74 -28.27 -4.35
C GLY A 17 4.92 -27.13 -3.38
N MET A 18 6.14 -26.61 -3.29
CA MET A 18 6.43 -25.51 -2.37
C MET A 18 5.53 -24.30 -2.53
N ILE A 19 5.35 -23.84 -3.76
CA ILE A 19 4.52 -22.68 -4.01
C ILE A 19 3.02 -22.98 -3.91
N GLY A 20 2.61 -24.11 -4.48
CA GLY A 20 1.20 -24.47 -4.43
C GLY A 20 0.68 -24.58 -3.01
N GLY A 21 1.46 -25.26 -2.16
CA GLY A 21 1.04 -25.43 -0.78
C GLY A 21 1.03 -24.14 0.01
N THR A 22 2.02 -23.29 -0.25
CA THR A 22 2.15 -22.02 0.43
C THR A 22 1.02 -21.09 0.05
N MET A 23 0.55 -21.20 -1.20
CA MET A 23 -0.55 -20.36 -1.66
C MET A 23 -1.84 -20.83 -0.99
N GLY A 24 -1.96 -22.14 -0.81
CA GLY A 24 -3.15 -22.67 -0.17
C GLY A 24 -3.21 -22.18 1.27
N TYR A 25 -2.02 -22.04 1.86
CA TYR A 25 -1.86 -21.57 3.24
C TYR A 25 -2.32 -20.10 3.34
N LEU A 26 -1.98 -19.30 2.33
CA LEU A 26 -2.37 -17.90 2.32
C LEU A 26 -3.89 -17.77 2.25
N CYS A 27 -4.52 -18.68 1.49
CA CYS A 27 -5.97 -18.64 1.37
C CYS A 27 -6.59 -18.95 2.73
N VAL A 28 -5.98 -19.88 3.46
CA VAL A 28 -6.46 -20.24 4.78
C VAL A 28 -6.35 -19.05 5.73
N LEU A 29 -5.21 -18.38 5.70
CA LEU A 29 -4.95 -17.23 6.56
C LEU A 29 -5.88 -16.05 6.29
N ARG A 30 -6.17 -15.79 5.02
CA ARG A 30 -7.03 -14.68 4.65
C ARG A 30 -8.48 -15.10 4.40
N GLU A 31 -8.74 -16.40 4.42
CA GLU A 31 -10.07 -16.95 4.16
C GLU A 31 -10.46 -16.42 2.77
N LEU A 32 -9.49 -16.42 1.88
CA LEU A 32 -9.68 -15.93 0.52
C LEU A 32 -10.57 -16.82 -0.32
N ALA A 33 -10.43 -18.14 -0.16
CA ALA A 33 -11.23 -19.08 -0.95
C ALA A 33 -10.97 -20.53 -0.60
N ASP A 34 -11.85 -21.40 -1.09
CA ASP A 34 -11.70 -22.83 -0.89
C ASP A 34 -10.54 -23.20 -1.77
N VAL A 35 -9.76 -24.18 -1.36
CA VAL A 35 -8.57 -24.58 -2.10
C VAL A 35 -8.52 -26.05 -2.51
N VAL A 36 -8.11 -26.26 -3.76
CA VAL A 36 -7.95 -27.60 -4.29
C VAL A 36 -6.47 -27.72 -4.62
N LEU A 37 -5.78 -28.62 -3.92
CA LEU A 37 -4.36 -28.83 -4.16
C LEU A 37 -4.23 -29.98 -5.15
N PHE A 38 -4.16 -29.63 -6.43
CA PHE A 38 -4.04 -30.61 -7.50
C PHE A 38 -2.58 -30.89 -7.82
N ASP A 39 -2.30 -32.14 -8.22
CA ASP A 39 -0.94 -32.55 -8.56
C ASP A 39 -1.02 -33.95 -9.14
N VAL A 40 0.02 -34.38 -9.84
CA VAL A 40 0.05 -35.72 -10.40
C VAL A 40 0.57 -36.68 -9.35
N VAL A 41 1.31 -36.14 -8.38
CA VAL A 41 1.84 -36.93 -7.30
C VAL A 41 0.70 -37.26 -6.34
N THR A 42 0.69 -38.48 -5.85
CA THR A 42 -0.35 -38.90 -4.91
C THR A 42 0.31 -38.99 -3.53
N GLY A 43 -0.47 -38.67 -2.50
CA GLY A 43 0.05 -38.71 -1.15
C GLY A 43 0.42 -37.35 -0.61
N MET A 44 1.51 -36.78 -1.13
CA MET A 44 2.00 -35.49 -0.68
C MET A 44 0.93 -34.39 -0.68
N PRO A 45 0.11 -34.30 -1.75
CA PRO A 45 -0.93 -33.26 -1.79
C PRO A 45 -1.96 -33.39 -0.67
N GLU A 46 -2.33 -34.62 -0.33
CA GLU A 46 -3.30 -34.85 0.73
C GLU A 46 -2.66 -34.44 2.05
N GLY A 47 -1.34 -34.62 2.15
CA GLY A 47 -0.64 -34.23 3.35
C GLY A 47 -0.65 -32.72 3.51
N LYS A 48 -0.44 -32.00 2.41
CA LYS A 48 -0.46 -30.54 2.43
C LYS A 48 -1.90 -30.08 2.73
N ALA A 49 -2.87 -30.72 2.09
CA ALA A 49 -4.28 -30.40 2.28
C ALA A 49 -4.71 -30.53 3.75
N LEU A 50 -4.25 -31.60 4.40
CA LEU A 50 -4.57 -31.84 5.80
C LEU A 50 -3.91 -30.77 6.67
N ASP A 51 -2.64 -30.51 6.42
CA ASP A 51 -1.88 -29.52 7.17
C ASP A 51 -2.54 -28.16 7.03
N ASP A 52 -2.77 -27.71 5.80
CA ASP A 52 -3.40 -26.42 5.55
C ASP A 52 -4.80 -26.30 6.14
N SER A 53 -5.63 -27.34 6.01
CA SER A 53 -6.98 -27.28 6.54
C SER A 53 -6.99 -27.24 8.07
N GLN A 54 -6.06 -27.96 8.67
CA GLN A 54 -5.96 -27.98 10.12
C GLN A 54 -5.58 -26.58 10.62
N ALA A 55 -4.93 -25.80 9.76
CA ALA A 55 -4.50 -24.46 10.12
C ALA A 55 -5.70 -23.49 10.24
N THR A 56 -6.82 -23.80 9.59
CA THR A 56 -8.01 -22.95 9.65
C THR A 56 -8.50 -22.81 11.08
N SER A 57 -8.33 -23.87 11.87
CA SER A 57 -8.76 -23.86 13.26
C SER A 57 -8.01 -22.79 14.03
N ILE A 58 -6.69 -22.79 13.88
CA ILE A 58 -5.85 -21.81 14.57
C ILE A 58 -6.04 -20.42 13.99
N ALA A 59 -6.31 -20.35 12.68
CA ALA A 59 -6.51 -19.06 12.04
C ALA A 59 -7.92 -18.54 12.32
N ASP A 60 -8.79 -19.43 12.82
CA ASP A 60 -10.18 -19.10 13.10
C ASP A 60 -10.92 -18.70 11.83
N THR A 61 -10.55 -19.31 10.72
CA THR A 61 -11.19 -19.03 9.45
C THR A 61 -11.87 -20.31 9.00
N ASN A 62 -12.62 -20.23 7.91
CA ASN A 62 -13.29 -21.43 7.42
C ASN A 62 -13.39 -21.50 5.91
N VAL A 63 -12.46 -22.24 5.31
CA VAL A 63 -12.46 -22.50 3.87
C VAL A 63 -12.14 -23.97 3.76
N SER A 64 -12.43 -24.55 2.60
CA SER A 64 -12.17 -25.97 2.39
C SER A 64 -10.89 -26.19 1.60
N VAL A 65 -10.00 -27.02 2.14
CA VAL A 65 -8.76 -27.34 1.48
C VAL A 65 -8.71 -28.84 1.25
N THR A 66 -8.71 -29.25 0.00
CA THR A 66 -8.65 -30.67 -0.33
C THR A 66 -7.60 -30.89 -1.40
N SER A 67 -7.30 -32.15 -1.69
CA SER A 67 -6.32 -32.47 -2.71
C SER A 67 -7.00 -33.23 -3.84
N ALA A 68 -6.32 -33.34 -4.98
CA ALA A 68 -6.86 -34.04 -6.13
C ALA A 68 -5.80 -34.38 -7.16
N ASN A 69 -6.12 -35.33 -8.02
CA ASN A 69 -5.22 -35.72 -9.09
C ASN A 69 -6.05 -36.02 -10.34
N GLN A 70 -7.31 -35.62 -10.29
CA GLN A 70 -8.27 -35.77 -11.39
C GLN A 70 -8.78 -34.35 -11.70
N TYR A 71 -8.61 -33.91 -12.93
CA TYR A 71 -9.03 -32.56 -13.32
C TYR A 71 -10.49 -32.18 -13.10
N GLU A 72 -11.39 -33.14 -13.00
CA GLU A 72 -12.79 -32.81 -12.79
C GLU A 72 -12.96 -32.16 -11.42
N LYS A 73 -11.95 -32.28 -10.58
CA LYS A 73 -11.98 -31.71 -9.24
C LYS A 73 -11.79 -30.18 -9.26
N ILE A 74 -11.26 -29.64 -10.35
CA ILE A 74 -11.06 -28.20 -10.42
C ILE A 74 -12.23 -27.47 -11.07
N ALA A 75 -13.28 -28.21 -11.39
CA ALA A 75 -14.45 -27.61 -12.01
C ALA A 75 -15.02 -26.53 -11.08
N GLY A 76 -15.48 -25.42 -11.66
CA GLY A 76 -16.05 -24.35 -10.86
C GLY A 76 -15.04 -23.41 -10.23
N SER A 77 -13.76 -23.58 -10.56
CA SER A 77 -12.72 -22.73 -10.01
C SER A 77 -12.86 -21.33 -10.60
N ASP A 78 -12.74 -20.32 -9.75
CA ASP A 78 -12.81 -18.94 -10.21
C ASP A 78 -11.43 -18.57 -10.69
N VAL A 79 -10.41 -19.10 -10.00
CA VAL A 79 -9.03 -18.85 -10.35
C VAL A 79 -8.23 -20.15 -10.36
N VAL A 80 -7.24 -20.21 -11.25
CA VAL A 80 -6.36 -21.36 -11.36
C VAL A 80 -4.94 -20.82 -11.37
N ILE A 81 -4.13 -21.26 -10.41
CA ILE A 81 -2.74 -20.83 -10.33
C ILE A 81 -1.88 -22.05 -10.64
N ILE A 82 -1.11 -21.95 -11.72
CA ILE A 82 -0.28 -23.04 -12.21
C ILE A 82 1.19 -22.99 -11.84
N THR A 83 1.62 -23.93 -10.99
CA THR A 83 3.02 -24.01 -10.58
C THR A 83 3.56 -25.37 -11.02
N ALA A 84 2.73 -26.14 -11.72
CA ALA A 84 3.12 -27.46 -12.19
C ALA A 84 4.35 -27.39 -13.09
N GLY A 85 5.41 -28.12 -12.71
CA GLY A 85 6.63 -28.14 -13.50
C GLY A 85 7.87 -28.40 -12.68
N LEU A 86 9.03 -28.41 -13.33
CA LEU A 86 10.30 -28.62 -12.64
C LEU A 86 10.89 -27.28 -12.26
N THR A 87 11.66 -27.26 -11.19
CA THR A 87 12.30 -26.02 -10.72
C THR A 87 13.75 -25.99 -11.21
N LYS A 88 14.28 -27.16 -11.56
CA LYS A 88 15.65 -27.24 -12.05
C LYS A 88 15.78 -28.38 -13.05
N VAL A 89 16.82 -28.32 -13.86
CA VAL A 89 17.07 -29.36 -14.85
C VAL A 89 17.67 -30.54 -14.11
N PRO A 90 17.14 -31.75 -14.34
CA PRO A 90 17.69 -32.92 -13.66
C PRO A 90 19.18 -33.02 -13.95
N GLY A 91 19.98 -33.14 -12.90
CA GLY A 91 21.42 -33.26 -13.09
C GLY A 91 22.27 -32.02 -12.98
N LYS A 92 21.81 -30.89 -13.52
CA LYS A 92 22.59 -29.66 -13.45
C LYS A 92 22.86 -29.14 -12.04
N SER A 93 23.97 -28.42 -11.90
CA SER A 93 24.35 -27.85 -10.61
C SER A 93 23.59 -26.54 -10.40
N ASP A 94 23.56 -26.04 -9.17
CA ASP A 94 22.86 -24.80 -8.87
C ASP A 94 23.61 -23.64 -9.52
N LYS A 95 24.90 -23.82 -9.74
CA LYS A 95 25.73 -22.80 -10.36
C LYS A 95 25.25 -22.51 -11.79
N GLU A 96 24.72 -23.53 -12.45
CA GLU A 96 24.24 -23.40 -13.83
C GLU A 96 22.72 -23.25 -13.98
N TRP A 97 22.02 -22.99 -12.89
CA TRP A 97 20.57 -22.84 -12.95
C TRP A 97 20.16 -21.79 -13.99
N SER A 98 19.22 -22.14 -14.85
CA SER A 98 18.72 -21.23 -15.88
C SER A 98 17.25 -21.52 -16.14
N ARG A 99 16.42 -20.48 -16.08
CA ARG A 99 14.99 -20.66 -16.31
C ARG A 99 14.72 -21.17 -17.73
N ASN A 100 15.48 -20.68 -18.69
CA ASN A 100 15.32 -21.07 -20.09
C ASN A 100 15.50 -22.57 -20.34
N ASP A 101 16.34 -23.23 -19.53
CA ASP A 101 16.58 -24.66 -19.71
C ASP A 101 15.40 -25.55 -19.31
N LEU A 102 14.43 -24.99 -18.58
CA LEU A 102 13.28 -25.78 -18.14
C LEU A 102 12.25 -25.93 -19.25
N LEU A 103 12.49 -25.26 -20.37
CA LEU A 103 11.58 -25.29 -21.51
C LEU A 103 11.10 -26.68 -21.97
N PRO A 104 12.02 -27.55 -22.45
CA PRO A 104 11.56 -28.86 -22.90
C PRO A 104 10.84 -29.67 -21.82
N PHE A 105 11.23 -29.48 -20.56
CA PHE A 105 10.59 -30.22 -19.48
C PHE A 105 9.19 -29.71 -19.13
N ASN A 106 9.04 -28.39 -18.97
CA ASN A 106 7.74 -27.83 -18.58
C ASN A 106 6.67 -27.54 -19.63
N ALA A 107 7.07 -27.33 -20.89
CA ALA A 107 6.07 -27.05 -21.93
C ALA A 107 5.07 -28.22 -21.95
N LYS A 108 5.63 -29.42 -21.90
CA LYS A 108 4.86 -30.67 -21.89
C LYS A 108 3.78 -30.60 -20.81
N ILE A 109 4.22 -30.24 -19.61
CA ILE A 109 3.35 -30.14 -18.45
C ILE A 109 2.28 -29.06 -18.60
N ILE A 110 2.69 -27.90 -19.09
CA ILE A 110 1.75 -26.79 -19.26
C ILE A 110 0.66 -27.14 -20.27
N ARG A 111 1.01 -27.87 -21.32
CA ARG A 111 0.03 -28.26 -22.33
C ARG A 111 -1.00 -29.20 -21.73
N GLU A 112 -0.54 -30.08 -20.85
CA GLU A 112 -1.41 -31.04 -20.19
C GLU A 112 -2.42 -30.25 -19.36
N VAL A 113 -1.90 -29.29 -18.60
CA VAL A 113 -2.75 -28.46 -17.74
C VAL A 113 -3.75 -27.66 -18.55
N ALA A 114 -3.32 -27.15 -19.70
CA ALA A 114 -4.19 -26.36 -20.56
C ALA A 114 -5.42 -27.17 -20.94
N GLN A 115 -5.21 -28.44 -21.29
CA GLN A 115 -6.31 -29.30 -21.68
C GLN A 115 -7.27 -29.54 -20.53
N GLY A 116 -6.71 -29.66 -19.33
CA GLY A 116 -7.55 -29.87 -18.16
C GLY A 116 -8.39 -28.65 -17.84
N VAL A 117 -7.79 -27.47 -17.93
CA VAL A 117 -8.52 -26.23 -17.65
C VAL A 117 -9.56 -25.96 -18.73
N LYS A 118 -9.16 -26.12 -19.99
CA LYS A 118 -10.09 -25.89 -21.09
C LYS A 118 -11.35 -26.72 -20.92
N LYS A 119 -11.17 -27.95 -20.46
CA LYS A 119 -12.29 -28.84 -20.28
C LYS A 119 -13.14 -28.63 -19.02
N TYR A 120 -12.51 -28.46 -17.86
CA TYR A 120 -13.28 -28.32 -16.62
C TYR A 120 -13.57 -26.93 -16.05
N CYS A 121 -12.75 -25.94 -16.33
CA CYS A 121 -13.01 -24.59 -15.83
C CYS A 121 -12.47 -23.53 -16.77
N PRO A 122 -13.01 -23.47 -17.99
CA PRO A 122 -12.61 -22.52 -19.02
C PRO A 122 -12.93 -21.06 -18.68
N LEU A 123 -13.78 -20.85 -17.68
CA LEU A 123 -14.17 -19.51 -17.29
C LEU A 123 -13.31 -18.94 -16.16
N ALA A 124 -12.27 -19.66 -15.80
CA ALA A 124 -11.38 -19.23 -14.72
C ALA A 124 -10.40 -18.16 -15.18
N PHE A 125 -9.84 -17.45 -14.20
CA PHE A 125 -8.81 -16.46 -14.46
C PHE A 125 -7.57 -17.29 -14.16
N VAL A 126 -6.67 -17.39 -15.13
CA VAL A 126 -5.47 -18.21 -14.97
C VAL A 126 -4.19 -17.44 -14.69
N ILE A 127 -3.47 -17.87 -13.67
CA ILE A 127 -2.19 -17.24 -13.31
C ILE A 127 -1.11 -18.29 -13.42
N VAL A 128 -0.29 -18.16 -14.47
CA VAL A 128 0.80 -19.10 -14.69
C VAL A 128 2.03 -18.67 -13.90
N VAL A 129 2.69 -19.62 -13.27
CA VAL A 129 3.89 -19.36 -12.49
C VAL A 129 5.07 -20.12 -13.08
N THR A 130 4.81 -21.33 -13.54
CA THR A 130 5.82 -22.20 -14.14
C THR A 130 6.77 -21.51 -15.13
N ASN A 131 8.06 -21.84 -15.03
CA ASN A 131 9.10 -21.28 -15.90
C ASN A 131 9.39 -22.18 -17.10
N PRO A 132 9.89 -21.62 -18.21
CA PRO A 132 10.21 -20.19 -18.42
C PRO A 132 8.90 -19.40 -18.54
N LEU A 133 8.59 -18.65 -17.49
CA LEU A 133 7.35 -17.88 -17.37
C LEU A 133 6.70 -17.30 -18.62
N ASP A 134 7.31 -16.28 -19.22
CA ASP A 134 6.73 -15.64 -20.41
C ASP A 134 6.42 -16.60 -21.54
N CYS A 135 7.28 -17.61 -21.73
CA CYS A 135 7.07 -18.60 -22.77
C CYS A 135 5.91 -19.51 -22.41
N MET A 136 5.89 -19.95 -21.15
CA MET A 136 4.84 -20.83 -20.63
C MET A 136 3.44 -20.20 -20.65
N VAL A 137 3.35 -18.89 -20.40
CA VAL A 137 2.04 -18.25 -20.41
C VAL A 137 1.50 -18.32 -21.84
N LYS A 138 2.36 -17.98 -22.80
CA LYS A 138 1.94 -18.03 -24.19
C LYS A 138 1.56 -19.45 -24.56
N CYS A 139 2.34 -20.41 -24.08
CA CYS A 139 2.07 -21.81 -24.35
C CYS A 139 0.69 -22.19 -23.80
N PHE A 140 0.41 -21.78 -22.57
CA PHE A 140 -0.87 -22.09 -21.96
C PHE A 140 -2.03 -21.42 -22.68
N HIS A 141 -1.84 -20.18 -23.09
CA HIS A 141 -2.89 -19.45 -23.78
C HIS A 141 -3.27 -20.12 -25.09
N GLU A 142 -2.28 -20.47 -25.91
CA GLU A 142 -2.52 -21.13 -27.18
C GLU A 142 -3.23 -22.47 -27.00
N ALA A 143 -2.69 -23.30 -26.11
CA ALA A 143 -3.25 -24.62 -25.86
C ALA A 143 -4.67 -24.61 -25.27
N SER A 144 -4.91 -23.71 -24.32
CA SER A 144 -6.22 -23.64 -23.65
C SER A 144 -7.34 -22.92 -24.40
N GLY A 145 -6.99 -21.91 -25.19
CA GLY A 145 -8.00 -21.18 -25.93
C GLY A 145 -8.77 -20.18 -25.09
N LEU A 146 -8.29 -19.91 -23.88
CA LEU A 146 -8.95 -18.95 -23.00
C LEU A 146 -8.76 -17.54 -23.54
N PRO A 147 -9.67 -16.62 -23.18
CA PRO A 147 -9.59 -15.22 -23.63
C PRO A 147 -8.27 -14.60 -23.21
N LYS A 148 -7.79 -13.65 -24.02
CA LYS A 148 -6.52 -12.97 -23.77
C LYS A 148 -6.42 -12.25 -22.41
N ASN A 149 -7.55 -11.71 -21.94
CA ASN A 149 -7.57 -10.98 -20.69
C ASN A 149 -7.73 -11.87 -19.46
N MET A 150 -7.89 -13.18 -19.67
CA MET A 150 -8.05 -14.09 -18.55
C MET A 150 -6.84 -14.99 -18.31
N VAL A 151 -5.73 -14.65 -18.95
CA VAL A 151 -4.49 -15.42 -18.78
C VAL A 151 -3.31 -14.48 -18.62
N CYS A 152 -2.50 -14.73 -17.60
CA CYS A 152 -1.31 -13.92 -17.33
C CYS A 152 -0.28 -14.76 -16.58
N GLY A 153 0.94 -14.26 -16.51
CA GLY A 153 1.99 -14.98 -15.81
C GLY A 153 2.53 -14.13 -14.69
N MET A 154 2.69 -14.74 -13.51
CA MET A 154 3.22 -14.03 -12.37
C MET A 154 4.73 -14.03 -12.47
N ALA A 155 5.33 -12.84 -12.38
CA ALA A 155 6.78 -12.72 -12.41
C ALA A 155 7.25 -11.37 -11.93
N ASN A 156 6.91 -10.32 -12.68
CA ASN A 156 7.33 -8.95 -12.37
C ASN A 156 6.90 -8.43 -11.00
N VAL A 157 5.83 -8.98 -10.43
CA VAL A 157 5.42 -8.52 -9.10
C VAL A 157 6.51 -8.98 -8.15
N LEU A 158 7.01 -10.20 -8.36
CA LEU A 158 8.09 -10.73 -7.53
C LEU A 158 9.37 -9.92 -7.74
N ASP A 159 9.75 -9.72 -9.01
CA ASP A 159 10.95 -8.96 -9.33
C ASP A 159 10.87 -7.56 -8.71
N SER A 160 9.70 -6.93 -8.82
CA SER A 160 9.51 -5.59 -8.27
C SER A 160 9.59 -5.61 -6.76
N ALA A 161 9.13 -6.69 -6.15
CA ALA A 161 9.15 -6.81 -4.70
C ALA A 161 10.60 -6.75 -4.21
N ARG A 162 11.49 -7.36 -4.98
CA ARG A 162 12.91 -7.38 -4.65
C ARG A 162 13.48 -5.98 -4.82
N PHE A 163 13.21 -5.41 -5.99
CA PHE A 163 13.64 -4.07 -6.34
C PHE A 163 13.25 -3.13 -5.20
N ARG A 164 11.97 -3.18 -4.82
CA ARG A 164 11.43 -2.33 -3.76
C ARG A 164 12.05 -2.54 -2.39
N ARG A 165 12.24 -3.80 -2.01
CA ARG A 165 12.81 -4.14 -0.72
C ARG A 165 14.23 -3.59 -0.58
N PHE A 166 15.05 -3.80 -1.61
CA PHE A 166 16.44 -3.31 -1.61
C PHE A 166 16.47 -1.79 -1.44
N ILE A 167 15.61 -1.10 -2.18
CA ILE A 167 15.54 0.35 -2.09
C ILE A 167 15.04 0.75 -0.71
N ALA A 168 14.02 0.05 -0.22
CA ALA A 168 13.46 0.33 1.09
C ALA A 168 14.52 0.25 2.18
N ASP A 169 15.37 -0.77 2.12
CA ASP A 169 16.41 -0.93 3.13
C ASP A 169 17.39 0.25 3.11
N GLN A 170 17.78 0.67 1.92
CA GLN A 170 18.73 1.77 1.78
C GLN A 170 18.15 3.10 2.25
N LEU A 171 16.93 3.41 1.83
CA LEU A 171 16.29 4.67 2.22
C LEU A 171 15.68 4.65 3.62
N GLU A 172 15.62 3.46 4.22
CA GLU A 172 15.07 3.29 5.56
C GLU A 172 13.62 3.78 5.59
N ILE A 173 12.87 3.32 4.58
CA ILE A 173 11.47 3.64 4.40
C ILE A 173 10.77 2.32 4.09
N SER A 174 9.52 2.19 4.51
CA SER A 174 8.76 0.96 4.26
C SER A 174 8.56 0.69 2.75
N PRO A 175 8.66 -0.58 2.35
CA PRO A 175 8.47 -0.93 0.94
C PRO A 175 7.08 -0.57 0.42
N ARG A 176 6.16 -0.28 1.34
CA ARG A 176 4.81 0.12 0.97
C ARG A 176 4.91 1.42 0.20
N ASP A 177 5.86 2.26 0.59
CA ASP A 177 6.04 3.56 -0.03
C ASP A 177 7.13 3.66 -1.08
N ILE A 178 7.59 2.51 -1.56
CA ILE A 178 8.58 2.49 -2.61
C ILE A 178 7.87 1.92 -3.83
N GLN A 179 7.82 2.70 -4.90
CA GLN A 179 7.22 2.23 -6.13
C GLN A 179 8.40 2.00 -7.06
N ALA A 180 8.72 0.73 -7.28
CA ALA A 180 9.83 0.34 -8.14
C ALA A 180 9.29 -0.80 -8.99
N THR A 181 9.41 -0.65 -10.30
CA THR A 181 8.88 -1.64 -11.21
C THR A 181 9.89 -2.28 -12.14
N VAL A 182 9.71 -3.58 -12.35
CA VAL A 182 10.55 -4.34 -13.27
C VAL A 182 9.57 -4.81 -14.35
N ILE A 183 9.97 -4.69 -15.60
CA ILE A 183 9.12 -5.15 -16.70
C ILE A 183 9.98 -6.03 -17.58
N GLY A 184 9.36 -6.62 -18.59
CA GLY A 184 10.12 -7.46 -19.49
C GLY A 184 10.06 -8.94 -19.16
N THR A 185 10.92 -9.69 -19.85
CA THR A 185 11.01 -11.13 -19.67
C THR A 185 11.57 -11.45 -18.29
N HIS A 186 10.99 -12.44 -17.62
CA HIS A 186 11.47 -12.82 -16.30
C HIS A 186 12.75 -13.63 -16.44
N GLY A 187 13.88 -12.94 -16.42
CA GLY A 187 15.17 -13.59 -16.57
C GLY A 187 16.28 -12.58 -16.43
N ASP A 188 17.47 -12.91 -16.91
CA ASP A 188 18.62 -12.02 -16.82
C ASP A 188 18.45 -10.67 -17.52
N HIS A 189 17.52 -10.59 -18.46
CA HIS A 189 17.29 -9.33 -19.17
C HIS A 189 16.00 -8.63 -18.75
N MET A 190 15.58 -8.88 -17.51
CA MET A 190 14.38 -8.22 -16.98
C MET A 190 14.81 -6.77 -16.89
N LEU A 191 13.86 -5.85 -16.95
CA LEU A 191 14.21 -4.44 -16.90
C LEU A 191 13.73 -3.64 -15.70
N PRO A 192 14.58 -3.52 -14.66
CA PRO A 192 14.19 -2.74 -13.48
C PRO A 192 14.20 -1.26 -13.93
N LEU A 193 13.04 -0.63 -13.94
CA LEU A 193 12.91 0.77 -14.37
C LEU A 193 13.40 1.79 -13.34
N ALA A 194 14.71 1.98 -13.31
CA ALA A 194 15.33 2.92 -12.39
C ALA A 194 14.77 4.34 -12.46
N ARG A 195 14.44 4.80 -13.66
CA ARG A 195 13.92 6.15 -13.82
C ARG A 195 12.52 6.32 -13.26
N TYR A 196 11.79 5.22 -13.09
CA TYR A 196 10.43 5.28 -12.58
C TYR A 196 10.30 4.92 -11.11
N VAL A 197 11.41 4.85 -10.40
CA VAL A 197 11.36 4.52 -8.99
C VAL A 197 10.97 5.77 -8.20
N THR A 198 9.94 5.65 -7.37
CA THR A 198 9.49 6.78 -6.58
C THR A 198 9.26 6.43 -5.11
N VAL A 199 9.32 7.45 -4.26
CA VAL A 199 9.06 7.31 -2.85
C VAL A 199 7.74 8.05 -2.76
N ASN A 200 6.65 7.30 -2.64
CA ASN A 200 5.32 7.87 -2.58
C ASN A 200 5.12 8.92 -3.68
N GLY A 201 5.56 8.57 -4.90
CA GLY A 201 5.40 9.49 -6.02
C GLY A 201 6.56 10.43 -6.28
N PHE A 202 7.43 10.60 -5.29
CA PHE A 202 8.58 11.49 -5.44
C PHE A 202 9.72 10.75 -6.10
N PRO A 203 10.21 11.26 -7.24
CA PRO A 203 11.31 10.60 -7.96
C PRO A 203 12.52 10.29 -7.12
N LEU A 204 13.05 9.08 -7.26
CA LEU A 204 14.22 8.64 -6.54
C LEU A 204 15.37 9.62 -6.79
N ARG A 205 15.41 10.14 -8.01
CA ARG A 205 16.43 11.10 -8.43
C ARG A 205 16.62 12.22 -7.40
N GLU A 206 15.54 12.63 -6.77
CA GLU A 206 15.60 13.69 -5.77
C GLU A 206 16.26 13.23 -4.47
N PHE A 207 16.11 11.95 -4.14
CA PHE A 207 16.72 11.42 -2.93
C PHE A 207 18.21 11.22 -3.15
N ILE A 208 18.59 10.93 -4.38
CA ILE A 208 19.99 10.72 -4.71
C ILE A 208 20.72 12.07 -4.66
N LYS A 209 20.10 13.10 -5.23
CA LYS A 209 20.71 14.42 -5.23
C LYS A 209 20.94 14.91 -3.81
N LYS A 210 20.19 14.36 -2.85
CA LYS A 210 20.31 14.75 -1.44
C LYS A 210 21.22 13.83 -0.63
N GLY A 211 21.88 12.88 -1.27
CA GLY A 211 22.77 12.00 -0.55
C GLY A 211 22.15 10.87 0.25
N LYS A 212 20.93 10.48 -0.10
CA LYS A 212 20.29 9.39 0.63
C LYS A 212 20.64 8.08 -0.04
N MET A 213 21.08 8.15 -1.30
CA MET A 213 21.48 6.98 -2.06
C MET A 213 22.42 7.45 -3.15
N THR A 214 23.40 6.62 -3.50
CA THR A 214 24.37 6.97 -4.53
C THR A 214 23.96 6.33 -5.84
N GLU A 215 24.43 6.88 -6.95
CA GLU A 215 24.12 6.33 -8.25
C GLU A 215 24.70 4.93 -8.41
N ALA A 216 25.83 4.68 -7.75
CA ALA A 216 26.47 3.37 -7.81
C ALA A 216 25.63 2.36 -7.00
N LYS A 217 25.01 2.82 -5.93
CA LYS A 217 24.17 1.95 -5.11
C LYS A 217 22.90 1.56 -5.89
N LEU A 218 22.35 2.51 -6.64
CA LEU A 218 21.16 2.23 -7.44
C LEU A 218 21.50 1.16 -8.47
N ALA A 219 22.63 1.34 -9.14
CA ALA A 219 23.08 0.37 -10.15
C ALA A 219 23.24 -1.00 -9.53
N GLU A 220 23.84 -1.04 -8.34
CA GLU A 220 24.04 -2.30 -7.63
C GLU A 220 22.70 -2.96 -7.30
N ILE A 221 21.74 -2.16 -6.87
CA ILE A 221 20.41 -2.65 -6.55
C ILE A 221 19.74 -3.19 -7.79
N VAL A 222 19.96 -2.54 -8.92
CA VAL A 222 19.36 -2.99 -10.17
C VAL A 222 19.91 -4.35 -10.57
N GLU A 223 21.19 -4.57 -10.29
CA GLU A 223 21.84 -5.83 -10.61
C GLU A 223 21.37 -6.92 -9.66
N ARG A 224 21.30 -6.60 -8.37
CA ARG A 224 20.84 -7.54 -7.35
C ARG A 224 19.45 -8.07 -7.70
N THR A 225 18.60 -7.18 -8.18
CA THR A 225 17.24 -7.53 -8.55
C THR A 225 17.22 -8.63 -9.60
N LYS A 226 18.09 -8.50 -10.60
CA LYS A 226 18.17 -9.48 -11.66
C LYS A 226 18.68 -10.83 -11.17
N LYS A 227 19.67 -10.77 -10.28
CA LYS A 227 20.30 -11.98 -9.73
C LYS A 227 19.61 -12.60 -8.52
N ALA A 228 18.59 -11.93 -7.99
CA ALA A 228 17.90 -12.42 -6.79
C ALA A 228 17.47 -13.88 -6.80
N GLY A 229 16.80 -14.30 -7.88
CA GLY A 229 16.35 -15.69 -7.98
C GLY A 229 17.46 -16.71 -7.92
N GLY A 230 18.53 -16.49 -8.68
CA GLY A 230 19.64 -17.43 -8.69
C GLY A 230 20.36 -17.46 -7.35
N GLU A 231 20.37 -16.31 -6.69
CA GLU A 231 21.02 -16.20 -5.40
C GLU A 231 20.30 -17.10 -4.40
N ILE A 232 18.98 -17.06 -4.41
CA ILE A 232 18.18 -17.87 -3.51
C ILE A 232 18.32 -19.35 -3.84
N VAL A 233 18.42 -19.67 -5.13
CA VAL A 233 18.60 -21.06 -5.56
C VAL A 233 19.93 -21.56 -5.00
N ARG A 234 20.96 -20.73 -5.12
CA ARG A 234 22.30 -21.06 -4.64
C ARG A 234 22.31 -21.31 -3.14
N LEU A 235 21.67 -20.42 -2.39
CA LEU A 235 21.61 -20.50 -0.94
C LEU A 235 20.72 -21.61 -0.37
N LEU A 236 19.60 -21.91 -1.01
CA LEU A 236 18.70 -22.94 -0.50
C LEU A 236 19.23 -24.38 -0.65
N GLY A 237 19.77 -24.70 -1.82
CA GLY A 237 20.27 -26.05 -2.04
C GLY A 237 19.17 -26.96 -2.56
N GLN A 238 17.93 -26.72 -2.13
CA GLN A 238 16.80 -27.51 -2.57
C GLN A 238 15.72 -26.61 -3.19
N GLY A 239 15.58 -26.69 -4.51
CA GLY A 239 14.58 -25.89 -5.18
C GLY A 239 14.84 -24.39 -5.27
N SER A 240 13.75 -23.63 -5.40
CA SER A 240 13.84 -22.19 -5.51
C SER A 240 12.87 -21.45 -4.59
N ALA A 241 12.87 -20.13 -4.67
CA ALA A 241 12.01 -19.29 -3.82
C ALA A 241 10.55 -19.68 -3.91
N TYR A 242 9.85 -19.59 -2.78
CA TYR A 242 8.43 -19.91 -2.75
C TYR A 242 7.56 -18.99 -1.89
N TYR A 243 8.13 -18.36 -0.88
CA TYR A 243 7.34 -17.47 -0.01
C TYR A 243 6.86 -16.20 -0.72
N ALA A 244 7.81 -15.43 -1.27
CA ALA A 244 7.45 -14.20 -1.98
C ALA A 244 6.68 -14.58 -3.26
N PRO A 245 7.13 -15.62 -3.99
CA PRO A 245 6.44 -16.04 -5.21
C PRO A 245 4.98 -16.40 -4.92
N ALA A 246 4.74 -17.10 -3.81
CA ALA A 246 3.38 -17.51 -3.46
C ALA A 246 2.50 -16.30 -3.12
N LEU A 247 3.06 -15.33 -2.41
CA LEU A 247 2.29 -14.13 -2.04
C LEU A 247 2.03 -13.27 -3.27
N SER A 248 2.98 -13.25 -4.21
CA SER A 248 2.83 -12.45 -5.43
C SER A 248 1.65 -12.95 -6.26
N ALA A 249 1.57 -14.26 -6.42
CA ALA A 249 0.50 -14.86 -7.21
C ALA A 249 -0.86 -14.71 -6.51
N ILE A 250 -0.88 -14.90 -5.19
CA ILE A 250 -2.14 -14.76 -4.45
C ILE A 250 -2.61 -13.32 -4.45
N THR A 251 -1.68 -12.37 -4.43
CA THR A 251 -2.05 -10.96 -4.45
C THR A 251 -2.73 -10.67 -5.80
N MET A 252 -2.27 -11.35 -6.84
CA MET A 252 -2.85 -11.19 -8.18
C MET A 252 -4.24 -11.82 -8.19
N ALA A 253 -4.33 -13.02 -7.63
CA ALA A 253 -5.61 -13.72 -7.58
C ALA A 253 -6.66 -12.93 -6.83
N GLN A 254 -6.25 -12.29 -5.74
CA GLN A 254 -7.18 -11.51 -4.93
C GLN A 254 -7.66 -10.28 -5.66
N ALA A 255 -6.76 -9.68 -6.45
CA ALA A 255 -7.11 -8.49 -7.22
C ALA A 255 -8.23 -8.81 -8.20
N PHE A 256 -8.22 -10.03 -8.71
CA PHE A 256 -9.26 -10.49 -9.63
C PHE A 256 -10.52 -10.79 -8.85
N LEU A 257 -10.40 -11.71 -7.88
CA LEU A 257 -11.52 -12.12 -7.05
C LEU A 257 -12.33 -10.99 -6.44
N LYS A 258 -11.65 -9.99 -5.90
CA LYS A 258 -12.34 -8.88 -5.26
C LYS A 258 -12.43 -7.63 -6.14
N ASP A 259 -12.06 -7.76 -7.40
CA ASP A 259 -12.11 -6.65 -8.36
C ASP A 259 -11.48 -5.40 -7.76
N GLU A 260 -10.24 -5.52 -7.33
CA GLU A 260 -9.52 -4.42 -6.70
C GLU A 260 -8.91 -3.41 -7.67
N LYS A 261 -8.55 -3.86 -8.86
CA LYS A 261 -7.94 -2.99 -9.87
C LYS A 261 -6.58 -2.50 -9.38
N ARG A 262 -5.77 -3.47 -8.99
CA ARG A 262 -4.42 -3.18 -8.50
C ARG A 262 -3.44 -3.19 -9.67
N VAL A 263 -2.41 -2.35 -9.56
CA VAL A 263 -1.39 -2.30 -10.59
C VAL A 263 -0.36 -3.35 -10.18
N LEU A 264 -0.35 -4.45 -10.92
CA LEU A 264 0.57 -5.54 -10.64
C LEU A 264 1.20 -6.00 -11.94
N PRO A 265 2.48 -5.66 -12.16
CA PRO A 265 3.20 -6.04 -13.37
C PRO A 265 3.17 -7.55 -13.56
N CYS A 266 2.71 -8.01 -14.72
CA CYS A 266 2.66 -9.43 -15.00
C CYS A 266 2.76 -9.67 -16.50
N SER A 267 3.18 -10.87 -16.89
CA SER A 267 3.31 -11.22 -18.29
C SER A 267 1.93 -11.24 -18.92
N VAL A 268 1.69 -10.32 -19.85
CA VAL A 268 0.39 -10.21 -20.52
C VAL A 268 0.44 -10.28 -22.04
N TYR A 269 -0.71 -10.54 -22.64
CA TYR A 269 -0.86 -10.65 -24.09
C TYR A 269 -0.69 -9.27 -24.75
N CYS A 270 0.15 -9.20 -25.77
CA CYS A 270 0.39 -7.93 -26.44
C CYS A 270 -0.26 -7.80 -27.81
N GLN A 271 -1.00 -6.71 -28.01
CA GLN A 271 -1.64 -6.41 -29.28
C GLN A 271 -1.35 -4.97 -29.66
N GLY A 272 -0.08 -4.69 -29.94
CA GLY A 272 0.36 -3.36 -30.31
C GLY A 272 1.11 -2.60 -29.24
N GLU A 273 0.85 -2.91 -27.98
CA GLU A 273 1.51 -2.22 -26.87
C GLU A 273 3.02 -2.41 -26.96
N TYR A 274 3.76 -1.30 -26.86
CA TYR A 274 5.21 -1.32 -26.95
C TYR A 274 5.64 -1.89 -28.29
N GLY A 275 4.73 -1.86 -29.25
CA GLY A 275 5.03 -2.36 -30.58
C GLY A 275 5.18 -3.87 -30.62
N LEU A 276 4.58 -4.56 -29.65
CA LEU A 276 4.67 -6.01 -29.57
C LEU A 276 3.40 -6.70 -30.04
N HIS A 277 3.57 -7.83 -30.72
CA HIS A 277 2.44 -8.58 -31.25
C HIS A 277 2.54 -10.07 -31.04
N ASP A 278 1.38 -10.68 -30.77
CA ASP A 278 1.27 -12.12 -30.57
C ASP A 278 2.31 -12.75 -29.67
N MET A 279 2.39 -12.26 -28.44
CA MET A 279 3.33 -12.78 -27.46
C MET A 279 2.95 -12.27 -26.09
N PHE A 280 3.52 -12.87 -25.05
CA PHE A 280 3.26 -12.45 -23.68
C PHE A 280 4.58 -11.98 -23.09
N ILE A 281 4.56 -10.88 -22.35
CA ILE A 281 5.76 -10.39 -21.70
C ILE A 281 5.38 -9.53 -20.50
N GLY A 282 6.30 -9.42 -19.53
CA GLY A 282 6.03 -8.64 -18.35
C GLY A 282 5.87 -7.16 -18.63
N LEU A 283 4.74 -6.60 -18.18
CA LEU A 283 4.41 -5.20 -18.38
C LEU A 283 3.52 -4.74 -17.23
N PRO A 284 3.47 -3.42 -16.97
CA PRO A 284 2.61 -2.95 -15.88
C PRO A 284 1.17 -3.19 -16.33
N ALA A 285 0.34 -3.70 -15.43
CA ALA A 285 -1.05 -3.97 -15.80
C ALA A 285 -1.96 -3.79 -14.60
N VAL A 286 -3.24 -3.63 -14.87
CA VAL A 286 -4.22 -3.47 -13.80
C VAL A 286 -5.06 -4.74 -13.78
N ILE A 287 -5.15 -5.36 -12.60
CA ILE A 287 -5.93 -6.58 -12.46
C ILE A 287 -7.18 -6.32 -11.64
N GLY A 288 -8.32 -6.71 -12.20
CA GLY A 288 -9.60 -6.54 -11.52
C GLY A 288 -10.53 -7.67 -11.91
N GLY A 289 -11.82 -7.50 -11.62
CA GLY A 289 -12.80 -8.52 -11.95
C GLY A 289 -12.92 -8.81 -13.44
N GLY A 290 -12.31 -7.97 -14.26
CA GLY A 290 -12.35 -8.18 -15.70
C GLY A 290 -11.09 -8.86 -16.20
N GLY A 291 -10.24 -9.31 -15.27
CA GLY A 291 -9.00 -9.95 -15.64
C GLY A 291 -7.97 -8.84 -15.82
N ILE A 292 -7.23 -8.89 -16.92
CA ILE A 292 -6.26 -7.86 -17.21
C ILE A 292 -7.11 -6.75 -17.81
N GLU A 293 -7.34 -5.68 -17.05
CA GLU A 293 -8.19 -4.61 -17.52
C GLU A 293 -7.42 -3.51 -18.23
N GLN A 294 -6.15 -3.37 -17.90
CA GLN A 294 -5.32 -2.34 -18.52
C GLN A 294 -3.87 -2.78 -18.65
N VAL A 295 -3.27 -2.41 -19.78
CA VAL A 295 -1.87 -2.68 -20.01
C VAL A 295 -1.32 -1.27 -20.10
N ILE A 296 -0.49 -0.90 -19.13
CA ILE A 296 0.07 0.43 -19.09
C ILE A 296 1.24 0.54 -20.08
N GLU A 297 1.10 1.47 -21.01
CA GLU A 297 2.13 1.71 -22.02
C GLU A 297 2.95 2.92 -21.58
N LEU A 298 4.18 2.68 -21.13
CA LEU A 298 5.03 3.76 -20.68
C LEU A 298 5.84 4.37 -21.81
N GLU A 299 6.21 5.63 -21.66
CA GLU A 299 7.01 6.33 -22.66
C GLU A 299 8.48 6.06 -22.34
N LEU A 300 8.98 4.94 -22.83
CA LEU A 300 10.36 4.55 -22.60
C LEU A 300 11.32 5.44 -23.37
N THR A 301 12.47 5.74 -22.77
CA THR A 301 13.47 6.54 -23.45
C THR A 301 14.15 5.62 -24.45
N HIS A 302 14.98 6.18 -25.32
CA HIS A 302 15.67 5.36 -26.30
C HIS A 302 16.56 4.34 -25.59
N GLU A 303 17.27 4.79 -24.57
CA GLU A 303 18.15 3.90 -23.83
C GLU A 303 17.32 2.75 -23.23
N GLU A 304 16.16 3.08 -22.70
CA GLU A 304 15.27 2.08 -22.12
C GLU A 304 14.69 1.15 -23.17
N GLN A 305 14.41 1.68 -24.36
CA GLN A 305 13.84 0.86 -25.42
C GLN A 305 14.84 -0.19 -25.89
N GLU A 306 16.12 0.15 -25.88
CA GLU A 306 17.16 -0.79 -26.28
C GLU A 306 17.15 -1.96 -25.31
N CYS A 307 17.21 -1.64 -24.01
CA CYS A 307 17.19 -2.66 -22.97
C CYS A 307 15.93 -3.51 -23.12
N PHE A 308 14.80 -2.86 -23.34
CA PHE A 308 13.55 -3.58 -23.48
C PHE A 308 13.54 -4.50 -24.68
N ARG A 309 14.12 -4.04 -25.79
CA ARG A 309 14.16 -4.84 -27.00
C ARG A 309 14.98 -6.12 -26.81
N LYS A 310 16.02 -6.05 -25.99
CA LYS A 310 16.84 -7.23 -25.74
C LYS A 310 16.02 -8.18 -24.89
N SER A 311 15.25 -7.62 -23.95
CA SER A 311 14.41 -8.44 -23.07
C SER A 311 13.38 -9.16 -23.94
N VAL A 312 12.87 -8.46 -24.94
CA VAL A 312 11.89 -9.02 -25.87
C VAL A 312 12.53 -10.14 -26.70
N ASP A 313 13.75 -9.92 -27.18
CA ASP A 313 14.43 -10.93 -27.98
C ASP A 313 14.44 -12.26 -27.26
N ASP A 314 14.67 -12.22 -25.96
CA ASP A 314 14.71 -13.43 -25.14
C ASP A 314 13.44 -14.29 -25.28
N VAL A 315 12.28 -13.68 -25.09
CA VAL A 315 11.03 -14.42 -25.19
C VAL A 315 10.81 -14.87 -26.62
N VAL A 316 11.08 -13.98 -27.56
CA VAL A 316 10.93 -14.28 -28.98
C VAL A 316 11.72 -15.52 -29.39
N GLU A 317 12.97 -15.63 -28.93
CA GLU A 317 13.78 -16.80 -29.28
C GLU A 317 13.28 -18.01 -28.50
N LEU A 318 12.89 -17.76 -27.25
CA LEU A 318 12.35 -18.81 -26.39
C LEU A 318 11.12 -19.39 -27.07
N ASN A 319 10.24 -18.51 -27.55
CA ASN A 319 9.03 -18.93 -28.22
C ASN A 319 9.31 -19.63 -29.54
N LYS A 320 10.45 -19.31 -30.16
CA LYS A 320 10.82 -19.97 -31.41
C LYS A 320 11.23 -21.40 -31.10
N SER A 321 11.95 -21.58 -30.00
CA SER A 321 12.40 -22.90 -29.59
C SER A 321 11.20 -23.76 -29.22
N LEU A 322 10.19 -23.13 -28.63
CA LEU A 322 8.97 -23.83 -28.23
C LEU A 322 8.28 -24.38 -29.47
N ALA A 323 8.14 -23.54 -30.48
CA ALA A 323 7.49 -23.91 -31.73
C ALA A 323 8.28 -25.03 -32.41
N ALA A 324 9.61 -24.92 -32.39
CA ALA A 324 10.47 -25.91 -33.02
C ALA A 324 10.55 -27.21 -32.21
N LEU A 325 9.43 -27.62 -31.62
CA LEU A 325 9.39 -28.86 -30.84
C LEU A 325 8.14 -29.68 -31.15
N GLY B 3 3.39 -9.26 37.16
CA GLY B 3 4.68 -9.76 36.56
C GLY B 3 4.66 -9.72 35.04
N THR B 4 4.04 -8.69 34.48
CA THR B 4 3.94 -8.54 33.03
C THR B 4 5.23 -7.99 32.42
N VAL B 5 5.89 -8.81 31.63
CA VAL B 5 7.12 -8.40 30.96
C VAL B 5 6.78 -7.70 29.66
N SER B 6 5.80 -8.23 28.94
CA SER B 6 5.39 -7.66 27.67
C SER B 6 4.06 -6.91 27.83
N ARG B 7 4.13 -5.60 27.95
CA ARG B 7 2.92 -4.79 28.11
C ARG B 7 2.39 -4.32 26.76
N ARG B 8 1.08 -4.11 26.68
CA ARG B 8 0.47 -3.64 25.44
C ARG B 8 0.80 -2.17 25.27
N LYS B 9 0.70 -1.68 24.04
CA LYS B 9 0.96 -0.28 23.78
C LYS B 9 -0.23 0.46 24.37
N LYS B 10 -0.07 1.75 24.63
CA LYS B 10 -1.15 2.55 25.19
C LYS B 10 -1.31 3.86 24.44
N ILE B 11 -2.53 4.14 23.99
CA ILE B 11 -2.81 5.37 23.28
C ILE B 11 -3.90 6.13 24.01
N ALA B 12 -3.63 7.38 24.35
CA ALA B 12 -4.61 8.22 25.03
C ALA B 12 -5.26 9.11 23.99
N MET B 13 -6.58 9.09 23.95
CA MET B 13 -7.32 9.93 23.02
C MET B 13 -7.79 11.14 23.80
N ILE B 14 -7.10 12.28 23.65
CA ILE B 14 -7.51 13.49 24.35
C ILE B 14 -8.61 14.09 23.50
N GLY B 15 -9.84 13.83 23.94
CA GLY B 15 -11.01 14.30 23.21
C GLY B 15 -11.68 13.01 22.79
N SER B 16 -12.91 12.78 23.25
CA SER B 16 -13.61 11.55 22.93
C SER B 16 -14.86 11.79 22.12
N GLY B 17 -14.78 12.74 21.20
CA GLY B 17 -15.89 13.06 20.34
C GLY B 17 -15.96 12.07 19.19
N MET B 18 -16.44 12.53 18.04
CA MET B 18 -16.57 11.66 16.88
C MET B 18 -15.25 11.00 16.47
N ILE B 19 -14.19 11.79 16.37
CA ILE B 19 -12.90 11.23 15.95
C ILE B 19 -12.23 10.40 17.04
N GLY B 20 -12.27 10.89 18.27
CA GLY B 20 -11.67 10.16 19.37
C GLY B 20 -12.26 8.76 19.53
N GLY B 21 -13.58 8.68 19.55
CA GLY B 21 -14.23 7.37 19.70
C GLY B 21 -13.95 6.41 18.56
N THR B 22 -13.90 6.97 17.36
CA THR B 22 -13.66 6.18 16.17
C THR B 22 -12.26 5.62 16.15
N MET B 23 -11.33 6.37 16.72
CA MET B 23 -9.95 5.92 16.76
C MET B 23 -9.84 4.80 17.77
N GLY B 24 -10.63 4.89 18.85
CA GLY B 24 -10.62 3.87 19.86
C GLY B 24 -11.17 2.60 19.24
N TYR B 25 -12.17 2.74 18.38
CA TYR B 25 -12.80 1.62 17.68
C TYR B 25 -11.75 0.93 16.80
N LEU B 26 -10.93 1.74 16.13
CA LEU B 26 -9.88 1.22 15.26
C LEU B 26 -8.87 0.41 16.08
N CYS B 27 -8.50 0.93 17.25
CA CYS B 27 -7.56 0.23 18.11
C CYS B 27 -8.14 -1.13 18.50
N VAL B 28 -9.44 -1.19 18.71
CA VAL B 28 -10.10 -2.44 19.05
C VAL B 28 -10.00 -3.44 17.90
N LEU B 29 -10.38 -3.01 16.69
CA LEU B 29 -10.36 -3.88 15.51
C LEU B 29 -8.99 -4.42 15.14
N ARG B 30 -7.96 -3.60 15.27
CA ARG B 30 -6.60 -4.02 14.94
C ARG B 30 -5.85 -4.54 16.17
N GLU B 31 -6.48 -4.40 17.35
CA GLU B 31 -5.86 -4.81 18.60
C GLU B 31 -4.52 -4.10 18.66
N LEU B 32 -4.55 -2.82 18.28
CA LEU B 32 -3.36 -1.99 18.24
C LEU B 32 -2.82 -1.56 19.61
N ALA B 33 -3.71 -1.20 20.53
CA ALA B 33 -3.27 -0.76 21.85
C ALA B 33 -4.39 -0.56 22.84
N ASP B 34 -4.05 -0.48 24.11
CA ASP B 34 -5.04 -0.22 25.15
C ASP B 34 -5.48 1.19 24.82
N VAL B 35 -6.68 1.56 25.24
CA VAL B 35 -7.20 2.88 24.94
C VAL B 35 -7.82 3.63 26.10
N VAL B 36 -7.50 4.92 26.20
CA VAL B 36 -8.05 5.77 27.22
C VAL B 36 -8.79 6.89 26.50
N LEU B 37 -10.10 6.96 26.67
CA LEU B 37 -10.91 8.00 26.04
C LEU B 37 -11.08 9.14 27.02
N PHE B 38 -10.23 10.15 26.87
CA PHE B 38 -10.26 11.32 27.74
C PHE B 38 -11.10 12.46 27.17
N ASP B 39 -11.78 13.19 28.06
CA ASP B 39 -12.61 14.31 27.64
C ASP B 39 -12.99 15.11 28.89
N VAL B 40 -13.37 16.38 28.71
CA VAL B 40 -13.76 17.19 29.87
C VAL B 40 -15.18 16.83 30.23
N VAL B 41 -15.93 16.36 29.24
CA VAL B 41 -17.30 15.95 29.45
C VAL B 41 -17.30 14.61 30.17
N THR B 42 -18.23 14.44 31.11
CA THR B 42 -18.34 13.20 31.86
C THR B 42 -19.59 12.53 31.39
N GLY B 43 -19.55 11.20 31.37
CA GLY B 43 -20.70 10.42 30.91
C GLY B 43 -20.45 9.86 29.53
N MET B 44 -20.54 10.72 28.52
CA MET B 44 -20.36 10.32 27.13
C MET B 44 -19.11 9.46 26.88
N PRO B 45 -17.93 9.89 27.36
CA PRO B 45 -16.72 9.09 27.14
C PRO B 45 -16.85 7.65 27.64
N GLU B 46 -17.46 7.48 28.82
CA GLU B 46 -17.65 6.15 29.40
C GLU B 46 -18.61 5.35 28.54
N GLY B 47 -19.57 6.04 27.92
CA GLY B 47 -20.52 5.36 27.05
C GLY B 47 -19.73 4.85 25.85
N LYS B 48 -18.77 5.65 25.40
CA LYS B 48 -17.93 5.28 24.27
C LYS B 48 -17.01 4.11 24.69
N ALA B 49 -16.42 4.21 25.87
CA ALA B 49 -15.52 3.16 26.37
C ALA B 49 -16.25 1.82 26.45
N LEU B 50 -17.47 1.83 26.97
CA LEU B 50 -18.27 0.61 27.09
C LEU B 50 -18.57 0.04 25.71
N ASP B 51 -19.01 0.90 24.79
CA ASP B 51 -19.35 0.49 23.43
C ASP B 51 -18.12 -0.11 22.73
N ASP B 52 -17.00 0.59 22.79
CA ASP B 52 -15.78 0.09 22.16
C ASP B 52 -15.22 -1.18 22.82
N SER B 53 -15.20 -1.24 24.15
CA SER B 53 -14.69 -2.43 24.82
C SER B 53 -15.55 -3.65 24.50
N GLN B 54 -16.87 -3.48 24.50
CA GLN B 54 -17.78 -4.58 24.18
C GLN B 54 -17.51 -5.10 22.76
N ALA B 55 -17.01 -4.23 21.90
CA ALA B 55 -16.69 -4.60 20.53
C ALA B 55 -15.51 -5.57 20.44
N THR B 56 -14.63 -5.56 21.44
CA THR B 56 -13.48 -6.47 21.43
C THR B 56 -13.94 -7.92 21.34
N SER B 57 -15.07 -8.21 21.99
CA SER B 57 -15.62 -9.57 21.99
C SER B 57 -15.94 -10.04 20.58
N ILE B 58 -16.63 -9.19 19.82
CA ILE B 58 -17.01 -9.55 18.46
C ILE B 58 -15.81 -9.57 17.52
N ALA B 59 -14.83 -8.72 17.80
CA ALA B 59 -13.62 -8.65 16.98
C ALA B 59 -12.64 -9.74 17.40
N ASP B 60 -12.92 -10.38 18.53
CA ASP B 60 -12.07 -11.43 19.09
C ASP B 60 -10.67 -10.94 19.42
N THR B 61 -10.58 -9.68 19.78
CA THR B 61 -9.30 -9.09 20.15
C THR B 61 -9.34 -8.78 21.63
N ASN B 62 -8.21 -8.38 22.19
CA ASN B 62 -8.20 -8.06 23.61
C ASN B 62 -7.31 -6.87 23.97
N VAL B 63 -7.98 -5.71 24.10
CA VAL B 63 -7.32 -4.48 24.50
C VAL B 63 -8.25 -3.85 25.53
N SER B 64 -7.72 -2.94 26.33
CA SER B 64 -8.52 -2.29 27.36
C SER B 64 -8.96 -0.92 26.90
N VAL B 65 -10.25 -0.65 26.98
CA VAL B 65 -10.78 0.64 26.60
C VAL B 65 -11.50 1.24 27.80
N THR B 66 -10.93 2.32 28.35
CA THR B 66 -11.51 2.98 29.49
C THR B 66 -11.68 4.46 29.20
N SER B 67 -12.45 5.14 30.03
CA SER B 67 -12.68 6.58 29.86
C SER B 67 -12.02 7.34 31.02
N ALA B 68 -11.85 8.64 30.85
CA ALA B 68 -11.23 9.44 31.90
C ALA B 68 -11.49 10.93 31.72
N ASN B 69 -11.32 11.67 32.81
CA ASN B 69 -11.50 13.12 32.79
C ASN B 69 -10.39 13.72 33.63
N GLN B 70 -9.44 12.87 34.00
CA GLN B 70 -8.28 13.27 34.78
C GLN B 70 -7.02 12.85 34.04
N TYR B 71 -6.12 13.81 33.85
CA TYR B 71 -4.87 13.57 33.13
C TYR B 71 -3.97 12.50 33.72
N GLU B 72 -4.14 12.18 35.00
CA GLU B 72 -3.30 11.17 35.61
C GLU B 72 -3.55 9.81 34.95
N LYS B 73 -4.70 9.70 34.28
CA LYS B 73 -5.08 8.46 33.59
C LYS B 73 -4.31 8.22 32.30
N ILE B 74 -3.76 9.27 31.69
CA ILE B 74 -3.04 9.09 30.44
C ILE B 74 -1.55 8.84 30.67
N ALA B 75 -1.16 8.71 31.93
CA ALA B 75 0.24 8.44 32.26
C ALA B 75 0.68 7.13 31.61
N GLY B 76 1.90 7.10 31.08
CA GLY B 76 2.41 5.90 30.45
C GLY B 76 2.04 5.73 28.98
N SER B 77 1.21 6.62 28.46
CA SER B 77 0.78 6.54 27.06
C SER B 77 1.95 6.62 26.09
N ASP B 78 1.99 5.69 25.14
CA ASP B 78 3.04 5.65 24.12
C ASP B 78 2.76 6.68 23.05
N VAL B 79 1.47 6.91 22.83
CA VAL B 79 1.01 7.87 21.85
C VAL B 79 -0.21 8.62 22.40
N VAL B 80 -0.33 9.88 21.99
CA VAL B 80 -1.44 10.73 22.40
C VAL B 80 -1.96 11.41 21.14
N ILE B 81 -3.24 11.22 20.86
CA ILE B 81 -3.86 11.84 19.69
C ILE B 81 -4.88 12.84 20.22
N ILE B 82 -4.63 14.12 19.93
CA ILE B 82 -5.49 15.20 20.42
C ILE B 82 -6.54 15.72 19.43
N THR B 83 -7.82 15.50 19.77
CA THR B 83 -8.93 15.96 18.95
C THR B 83 -9.76 16.96 19.77
N ALA B 84 -9.32 17.23 20.99
CA ALA B 84 -10.04 18.16 21.86
C ALA B 84 -10.21 19.51 21.18
N GLY B 85 -11.45 19.98 21.10
CA GLY B 85 -11.70 21.26 20.45
C GLY B 85 -13.05 21.37 19.75
N LEU B 86 -13.39 22.59 19.29
CA LEU B 86 -14.64 22.82 18.58
C LEU B 86 -14.48 22.48 17.11
N THR B 87 -15.58 22.12 16.46
CA THR B 87 -15.56 21.78 15.04
C THR B 87 -16.12 22.94 14.21
N LYS B 88 -17.05 23.68 14.81
CA LYS B 88 -17.70 24.80 14.14
C LYS B 88 -17.92 25.97 15.10
N VAL B 89 -17.99 27.17 14.56
CA VAL B 89 -18.20 28.34 15.39
C VAL B 89 -19.68 28.66 15.47
N PRO B 90 -20.24 28.70 16.69
CA PRO B 90 -21.67 29.02 16.83
C PRO B 90 -21.99 30.35 16.16
N GLY B 91 -23.05 30.35 15.36
CA GLY B 91 -23.45 31.57 14.66
C GLY B 91 -23.16 31.51 13.17
N LYS B 92 -22.03 30.92 12.82
CA LYS B 92 -21.63 30.80 11.42
C LYS B 92 -22.48 29.80 10.64
N SER B 93 -22.76 30.13 9.38
CA SER B 93 -23.54 29.24 8.52
C SER B 93 -22.58 28.13 8.08
N ASP B 94 -23.11 27.07 7.49
CA ASP B 94 -22.25 25.99 7.04
C ASP B 94 -21.35 26.46 5.90
N LYS B 95 -21.88 27.33 5.04
CA LYS B 95 -21.12 27.87 3.92
C LYS B 95 -19.95 28.74 4.39
N GLU B 96 -20.12 29.38 5.55
CA GLU B 96 -19.09 30.24 6.12
C GLU B 96 -18.03 29.48 6.91
N TRP B 97 -18.20 28.17 7.02
CA TRP B 97 -17.25 27.35 7.77
C TRP B 97 -15.81 27.60 7.35
N SER B 98 -14.96 27.90 8.34
CA SER B 98 -13.54 28.14 8.09
C SER B 98 -12.73 27.74 9.31
N ARG B 99 -11.78 26.83 9.11
CA ARG B 99 -10.94 26.33 10.20
C ARG B 99 -10.27 27.43 11.02
N ASN B 100 -9.98 28.57 10.37
CA ASN B 100 -9.33 29.67 11.07
C ASN B 100 -10.16 30.29 12.18
N ASP B 101 -11.48 30.34 12.00
CA ASP B 101 -12.36 30.93 13.02
C ASP B 101 -12.33 30.14 14.33
N LEU B 102 -11.80 28.92 14.27
CA LEU B 102 -11.72 28.06 15.46
C LEU B 102 -10.57 28.40 16.38
N LEU B 103 -9.65 29.23 15.89
CA LEU B 103 -8.46 29.63 16.64
C LEU B 103 -8.67 30.06 18.10
N PRO B 104 -9.50 31.09 18.34
CA PRO B 104 -9.69 31.53 19.73
C PRO B 104 -10.42 30.55 20.65
N PHE B 105 -11.07 29.54 20.08
CA PHE B 105 -11.78 28.58 20.91
C PHE B 105 -10.86 27.40 21.25
N ASN B 106 -10.06 26.97 20.29
CA ASN B 106 -9.20 25.82 20.52
C ASN B 106 -7.78 26.06 21.05
N ALA B 107 -7.28 27.29 20.93
CA ALA B 107 -5.95 27.60 21.44
C ALA B 107 -5.97 27.33 22.94
N LYS B 108 -7.04 27.79 23.57
CA LYS B 108 -7.25 27.64 25.00
C LYS B 108 -7.18 26.16 25.40
N ILE B 109 -7.94 25.35 24.68
CA ILE B 109 -8.00 23.91 24.91
C ILE B 109 -6.67 23.19 24.71
N ILE B 110 -5.98 23.52 23.62
CA ILE B 110 -4.70 22.89 23.33
C ILE B 110 -3.61 23.18 24.36
N ARG B 111 -3.66 24.37 24.96
CA ARG B 111 -2.67 24.73 25.96
C ARG B 111 -2.93 23.97 27.26
N GLU B 112 -4.19 23.66 27.53
CA GLU B 112 -4.54 22.91 28.74
C GLU B 112 -4.00 21.49 28.52
N VAL B 113 -4.34 20.90 27.39
CA VAL B 113 -3.90 19.55 27.05
C VAL B 113 -2.37 19.47 27.11
N ALA B 114 -1.71 20.53 26.66
CA ALA B 114 -0.25 20.59 26.67
C ALA B 114 0.29 20.40 28.08
N GLN B 115 -0.33 21.06 29.05
CA GLN B 115 0.09 20.96 30.45
C GLN B 115 -0.10 19.53 30.96
N GLY B 116 -1.21 18.91 30.55
CA GLY B 116 -1.50 17.55 30.97
C GLY B 116 -0.50 16.53 30.45
N VAL B 117 -0.12 16.66 29.18
CA VAL B 117 0.83 15.73 28.57
C VAL B 117 2.23 15.96 29.14
N LYS B 118 2.57 17.22 29.34
CA LYS B 118 3.87 17.60 29.89
C LYS B 118 4.05 16.96 31.26
N LYS B 119 3.00 16.97 32.05
CA LYS B 119 3.06 16.41 33.38
C LYS B 119 3.01 14.88 33.44
N TYR B 120 2.03 14.28 32.77
CA TYR B 120 1.88 12.82 32.85
C TYR B 120 2.51 11.87 31.86
N CYS B 121 2.70 12.28 30.60
CA CYS B 121 3.35 11.39 29.63
C CYS B 121 4.18 12.18 28.62
N PRO B 122 5.20 12.91 29.11
CA PRO B 122 6.09 13.72 28.29
C PRO B 122 6.96 12.93 27.31
N LEU B 123 6.89 11.60 27.36
CA LEU B 123 7.69 10.77 26.47
C LEU B 123 6.87 10.21 25.31
N ALA B 124 5.62 10.63 25.24
CA ALA B 124 4.72 10.17 24.19
C ALA B 124 4.99 10.78 22.82
N PHE B 125 4.48 10.12 21.80
CA PHE B 125 4.56 10.62 20.44
C PHE B 125 3.20 11.29 20.34
N VAL B 126 3.17 12.58 20.05
CA VAL B 126 1.91 13.32 20.00
C VAL B 126 1.43 13.68 18.62
N ILE B 127 0.17 13.35 18.36
CA ILE B 127 -0.46 13.65 17.08
C ILE B 127 -1.63 14.60 17.32
N VAL B 128 -1.47 15.84 16.85
CA VAL B 128 -2.50 16.85 16.99
C VAL B 128 -3.45 16.77 15.81
N VAL B 129 -4.75 16.94 16.07
CA VAL B 129 -5.75 16.89 15.02
C VAL B 129 -6.56 18.18 15.06
N THR B 130 -6.75 18.70 16.26
CA THR B 130 -7.50 19.94 16.49
C THR B 130 -7.14 21.07 15.51
N ASN B 131 -8.15 21.75 14.99
CA ASN B 131 -7.95 22.87 14.07
C ASN B 131 -7.95 24.19 14.86
N PRO B 132 -7.28 25.24 14.32
CA PRO B 132 -6.56 25.22 13.05
C PRO B 132 -5.27 24.43 13.22
N LEU B 133 -5.23 23.27 12.59
CA LEU B 133 -4.12 22.32 12.66
C LEU B 133 -2.69 22.81 12.79
N ASP B 134 -2.12 23.34 11.72
CA ASP B 134 -0.74 23.80 11.73
C ASP B 134 -0.44 24.77 12.87
N CYS B 135 -1.42 25.60 13.19
CA CYS B 135 -1.28 26.57 14.26
C CYS B 135 -1.36 25.83 15.60
N MET B 136 -2.34 24.93 15.73
CA MET B 136 -2.50 24.18 16.97
C MET B 136 -1.32 23.26 17.31
N VAL B 137 -0.70 22.66 16.28
CA VAL B 137 0.43 21.78 16.56
C VAL B 137 1.57 22.62 17.13
N LYS B 138 1.82 23.77 16.53
CA LYS B 138 2.88 24.66 17.01
C LYS B 138 2.58 25.10 18.43
N CYS B 139 1.33 25.45 18.69
CA CYS B 139 0.90 25.88 20.01
C CYS B 139 1.15 24.77 21.03
N PHE B 140 0.81 23.53 20.67
CA PHE B 140 1.01 22.41 21.58
C PHE B 140 2.49 22.17 21.86
N HIS B 141 3.30 22.23 20.80
CA HIS B 141 4.72 21.99 20.93
C HIS B 141 5.45 22.96 21.86
N GLU B 142 5.15 24.24 21.78
CA GLU B 142 5.85 25.18 22.64
C GLU B 142 5.27 25.19 24.06
N ALA B 143 3.97 24.93 24.17
CA ALA B 143 3.33 24.88 25.48
C ALA B 143 3.76 23.63 26.25
N SER B 144 3.98 22.54 25.53
CA SER B 144 4.36 21.27 26.17
C SER B 144 5.84 21.05 26.42
N GLY B 145 6.67 21.53 25.51
CA GLY B 145 8.11 21.37 25.67
C GLY B 145 8.63 20.04 25.19
N LEU B 146 7.80 19.28 24.47
CA LEU B 146 8.22 17.97 23.95
C LEU B 146 9.20 18.14 22.79
N PRO B 147 10.03 17.11 22.54
CA PRO B 147 11.03 17.13 21.45
C PRO B 147 10.35 17.43 20.13
N LYS B 148 11.06 18.12 19.25
CA LYS B 148 10.48 18.48 17.97
C LYS B 148 10.14 17.30 17.07
N ASN B 149 10.84 16.19 17.25
CA ASN B 149 10.59 15.01 16.43
C ASN B 149 9.48 14.12 16.99
N MET B 150 8.92 14.51 18.14
CA MET B 150 7.86 13.73 18.78
C MET B 150 6.50 14.41 18.76
N VAL B 151 6.38 15.48 17.98
CA VAL B 151 5.13 16.20 17.86
C VAL B 151 4.84 16.46 16.38
N CYS B 152 3.61 16.20 15.95
CA CYS B 152 3.23 16.45 14.57
C CYS B 152 1.72 16.59 14.48
N GLY B 153 1.25 17.09 13.33
CA GLY B 153 -0.17 17.28 13.14
C GLY B 153 -0.70 16.45 11.98
N MET B 154 -1.85 15.81 12.18
CA MET B 154 -2.46 15.02 11.14
C MET B 154 -3.32 15.93 10.29
N ALA B 155 -3.15 15.88 8.98
CA ALA B 155 -3.94 16.68 8.06
C ALA B 155 -3.70 16.24 6.63
N ASN B 156 -2.46 16.40 6.16
CA ASN B 156 -2.11 16.05 4.79
C ASN B 156 -2.37 14.59 4.40
N VAL B 157 -2.37 13.67 5.35
CA VAL B 157 -2.67 12.28 5.03
C VAL B 157 -4.13 12.24 4.60
N LEU B 158 -4.97 13.02 5.29
CA LEU B 158 -6.39 13.09 4.96
C LEU B 158 -6.57 13.78 3.61
N ASP B 159 -5.90 14.92 3.43
CA ASP B 159 -6.00 15.66 2.18
C ASP B 159 -5.54 14.79 1.00
N SER B 160 -4.43 14.08 1.20
CA SER B 160 -3.91 13.21 0.14
C SER B 160 -4.88 12.06 -0.16
N ALA B 161 -5.53 11.56 0.88
CA ALA B 161 -6.47 10.45 0.71
C ALA B 161 -7.57 10.84 -0.27
N ARG B 162 -8.04 12.08 -0.17
CA ARG B 162 -9.09 12.59 -1.03
C ARG B 162 -8.56 12.73 -2.45
N PHE B 163 -7.38 13.33 -2.56
CA PHE B 163 -6.71 13.53 -3.84
C PHE B 163 -6.62 12.15 -4.51
N ARG B 164 -6.15 11.16 -3.76
CA ARG B 164 -5.98 9.81 -4.28
C ARG B 164 -7.28 9.11 -4.68
N ARG B 165 -8.30 9.22 -3.83
CA ARG B 165 -9.59 8.59 -4.12
C ARG B 165 -10.20 9.16 -5.40
N PHE B 166 -10.11 10.47 -5.57
CA PHE B 166 -10.66 11.13 -6.75
C PHE B 166 -9.93 10.63 -8.01
N ILE B 167 -8.61 10.60 -7.95
CA ILE B 167 -7.82 10.13 -9.09
C ILE B 167 -8.14 8.66 -9.35
N ALA B 168 -8.13 7.87 -8.29
CA ALA B 168 -8.41 6.44 -8.38
C ALA B 168 -9.73 6.16 -9.10
N ASP B 169 -10.77 6.91 -8.75
CA ASP B 169 -12.07 6.75 -9.38
C ASP B 169 -11.97 7.01 -10.88
N GLN B 170 -11.28 8.07 -11.27
CA GLN B 170 -11.15 8.43 -12.67
C GLN B 170 -10.34 7.43 -13.49
N LEU B 171 -9.27 6.90 -12.90
CA LEU B 171 -8.41 5.95 -13.60
C LEU B 171 -8.85 4.49 -13.45
N GLU B 172 -9.82 4.25 -12.56
CA GLU B 172 -10.32 2.89 -12.31
C GLU B 172 -9.16 2.01 -11.85
N ILE B 173 -8.49 2.49 -10.81
CA ILE B 173 -7.36 1.82 -10.22
C ILE B 173 -7.50 2.01 -8.71
N SER B 174 -7.09 1.01 -7.95
CA SER B 174 -7.16 1.08 -6.48
C SER B 174 -6.35 2.25 -5.96
N PRO B 175 -6.89 2.95 -4.95
CA PRO B 175 -6.16 4.09 -4.37
C PRO B 175 -4.81 3.66 -3.79
N ARG B 176 -4.64 2.35 -3.57
CA ARG B 176 -3.39 1.83 -3.05
C ARG B 176 -2.27 2.15 -4.02
N ASP B 177 -2.59 2.13 -5.31
CA ASP B 177 -1.59 2.39 -6.33
C ASP B 177 -1.53 3.81 -6.87
N ILE B 178 -2.24 4.73 -6.21
CA ILE B 178 -2.20 6.12 -6.60
C ILE B 178 -1.40 6.85 -5.54
N GLN B 179 -0.33 7.51 -5.93
CA GLN B 179 0.44 8.29 -4.99
C GLN B 179 0.16 9.74 -5.34
N ALA B 180 -0.71 10.38 -4.55
CA ALA B 180 -1.07 11.78 -4.72
C ALA B 180 -0.78 12.41 -3.37
N THR B 181 -0.06 13.52 -3.37
CA THR B 181 0.31 14.17 -2.11
C THR B 181 -0.11 15.62 -2.02
N VAL B 182 -0.53 16.02 -0.82
CA VAL B 182 -0.92 17.38 -0.55
C VAL B 182 -0.01 17.82 0.57
N ILE B 183 0.53 19.03 0.47
CA ILE B 183 1.40 19.56 1.51
C ILE B 183 0.92 20.97 1.80
N GLY B 184 1.56 21.63 2.75
CA GLY B 184 1.17 22.98 3.09
C GLY B 184 0.20 23.05 4.25
N THR B 185 -0.40 24.23 4.43
CA THR B 185 -1.36 24.47 5.49
C THR B 185 -2.66 23.72 5.24
N HIS B 186 -3.24 23.18 6.31
CA HIS B 186 -4.51 22.46 6.17
C HIS B 186 -5.63 23.50 6.10
N GLY B 187 -5.91 23.97 4.89
CA GLY B 187 -6.94 24.97 4.68
C GLY B 187 -7.10 25.24 3.19
N ASP B 188 -7.83 26.29 2.83
CA ASP B 188 -8.05 26.60 1.42
C ASP B 188 -6.78 26.75 0.59
N HIS B 189 -5.66 27.03 1.23
CA HIS B 189 -4.41 27.18 0.48
C HIS B 189 -3.50 25.96 0.56
N MET B 190 -4.07 24.80 0.85
CA MET B 190 -3.28 23.57 0.89
C MET B 190 -2.81 23.36 -0.54
N LEU B 191 -1.71 22.66 -0.72
CA LEU B 191 -1.20 22.45 -2.07
C LEU B 191 -1.19 21.01 -2.58
N PRO B 192 -2.19 20.62 -3.40
CA PRO B 192 -2.18 19.26 -3.92
C PRO B 192 -1.11 19.26 -5.03
N LEU B 193 -0.05 18.49 -4.83
CA LEU B 193 1.05 18.44 -5.80
C LEU B 193 0.72 17.66 -7.07
N ALA B 194 0.04 18.33 -7.99
CA ALA B 194 -0.37 17.73 -9.25
C ALA B 194 0.78 17.08 -10.03
N ARG B 195 1.94 17.73 -10.05
CA ARG B 195 3.08 17.21 -10.79
C ARG B 195 3.64 15.91 -10.21
N TYR B 196 3.45 15.68 -8.92
CA TYR B 196 3.97 14.47 -8.30
C TYR B 196 2.97 13.32 -8.17
N VAL B 197 1.85 13.39 -8.89
CA VAL B 197 0.85 12.33 -8.84
C VAL B 197 1.31 11.18 -9.73
N THR B 198 1.39 9.98 -9.14
CA THR B 198 1.81 8.82 -9.91
C THR B 198 0.90 7.63 -9.74
N VAL B 199 0.99 6.72 -10.70
CA VAL B 199 0.24 5.48 -10.70
C VAL B 199 1.38 4.49 -10.55
N ASN B 200 1.59 4.03 -9.32
CA ASN B 200 2.67 3.11 -9.01
C ASN B 200 4.00 3.63 -9.53
N GLY B 201 4.23 4.94 -9.34
CA GLY B 201 5.47 5.54 -9.79
C GLY B 201 5.45 6.13 -11.19
N PHE B 202 4.44 5.77 -11.97
CA PHE B 202 4.32 6.26 -13.35
C PHE B 202 3.60 7.62 -13.32
N PRO B 203 4.26 8.68 -13.78
CA PRO B 203 3.67 10.03 -13.80
C PRO B 203 2.26 10.07 -14.39
N LEU B 204 1.37 10.81 -13.74
CA LEU B 204 0.00 10.94 -14.20
C LEU B 204 -0.07 11.53 -15.61
N ARG B 205 0.86 12.42 -15.92
CA ARG B 205 0.86 13.07 -17.23
C ARG B 205 0.94 12.09 -18.39
N GLU B 206 1.50 10.91 -18.16
CA GLU B 206 1.60 9.92 -19.24
C GLU B 206 0.19 9.35 -19.47
N PHE B 207 -0.55 9.18 -18.38
CA PHE B 207 -1.91 8.66 -18.47
C PHE B 207 -2.83 9.67 -19.14
N ILE B 208 -2.57 10.95 -18.87
CA ILE B 208 -3.35 12.03 -19.46
C ILE B 208 -3.04 12.11 -20.95
N LYS B 209 -1.76 12.03 -21.29
CA LYS B 209 -1.33 12.09 -22.67
C LYS B 209 -1.96 10.94 -23.47
N LYS B 210 -2.21 9.83 -22.80
CA LYS B 210 -2.80 8.67 -23.47
C LYS B 210 -4.32 8.67 -23.40
N GLY B 211 -4.91 9.79 -23.00
CA GLY B 211 -6.35 9.93 -22.91
C GLY B 211 -7.09 9.35 -21.72
N LYS B 212 -6.40 8.67 -20.82
CA LYS B 212 -7.05 8.06 -19.67
C LYS B 212 -7.90 9.04 -18.87
N MET B 213 -7.48 10.29 -18.86
CA MET B 213 -8.21 11.38 -18.20
C MET B 213 -7.60 12.70 -18.67
N THR B 214 -8.35 13.80 -18.50
CA THR B 214 -7.89 15.11 -18.97
C THR B 214 -7.29 16.03 -17.91
N GLU B 215 -6.60 17.06 -18.41
CA GLU B 215 -5.98 18.07 -17.55
C GLU B 215 -7.08 18.79 -16.78
N ALA B 216 -8.19 19.05 -17.47
CA ALA B 216 -9.32 19.74 -16.86
C ALA B 216 -9.84 18.96 -15.65
N LYS B 217 -9.88 17.64 -15.77
CA LYS B 217 -10.34 16.82 -14.66
C LYS B 217 -9.33 16.87 -13.51
N LEU B 218 -8.04 16.83 -13.83
CA LEU B 218 -7.01 16.93 -12.80
C LEU B 218 -7.24 18.22 -12.00
N ALA B 219 -7.42 19.33 -12.70
CA ALA B 219 -7.66 20.62 -12.06
C ALA B 219 -8.95 20.62 -11.23
N GLU B 220 -9.98 19.96 -11.77
CA GLU B 220 -11.25 19.86 -11.06
C GLU B 220 -11.02 19.11 -9.75
N ILE B 221 -10.22 18.06 -9.81
CA ILE B 221 -9.91 17.24 -8.64
C ILE B 221 -9.04 18.00 -7.64
N VAL B 222 -8.12 18.82 -8.14
CA VAL B 222 -7.25 19.60 -7.27
C VAL B 222 -8.11 20.56 -6.45
N GLU B 223 -9.09 21.18 -7.09
CA GLU B 223 -9.96 22.12 -6.40
C GLU B 223 -10.86 21.37 -5.41
N ARG B 224 -11.33 20.20 -5.83
CA ARG B 224 -12.20 19.39 -5.01
C ARG B 224 -11.51 18.96 -3.72
N THR B 225 -10.22 18.64 -3.84
CA THR B 225 -9.42 18.23 -2.70
C THR B 225 -9.40 19.31 -1.63
N LYS B 226 -9.23 20.55 -2.07
CA LYS B 226 -9.16 21.70 -1.15
C LYS B 226 -10.49 21.93 -0.44
N LYS B 227 -11.58 21.75 -1.18
CA LYS B 227 -12.93 21.97 -0.68
C LYS B 227 -13.60 20.78 -0.01
N ALA B 228 -12.93 19.62 0.00
CA ALA B 228 -13.50 18.40 0.58
C ALA B 228 -14.05 18.54 2.01
N GLY B 229 -13.29 19.16 2.90
CA GLY B 229 -13.75 19.33 4.26
C GLY B 229 -15.07 20.07 4.36
N GLY B 230 -15.12 21.25 3.75
CA GLY B 230 -16.33 22.06 3.77
C GLY B 230 -17.52 21.39 3.13
N GLU B 231 -17.27 20.57 2.11
CA GLU B 231 -18.37 19.88 1.45
C GLU B 231 -19.03 18.90 2.40
N ILE B 232 -18.21 18.17 3.15
CA ILE B 232 -18.70 17.21 4.11
C ILE B 232 -19.39 17.95 5.25
N VAL B 233 -18.81 19.08 5.67
CA VAL B 233 -19.41 19.87 6.74
C VAL B 233 -20.81 20.28 6.30
N ARG B 234 -20.92 20.69 5.04
CA ARG B 234 -22.19 21.12 4.48
C ARG B 234 -23.19 19.98 4.36
N LEU B 235 -22.73 18.83 3.90
CA LEU B 235 -23.61 17.68 3.72
C LEU B 235 -24.04 17.04 5.04
N LEU B 236 -23.13 16.91 5.99
CA LEU B 236 -23.48 16.30 7.28
C LEU B 236 -24.46 17.19 8.03
N GLY B 237 -24.18 18.49 8.04
CA GLY B 237 -25.05 19.43 8.73
C GLY B 237 -24.76 19.53 10.21
N GLN B 238 -23.89 18.64 10.69
CA GLN B 238 -23.51 18.58 12.10
C GLN B 238 -22.05 18.15 12.19
N GLY B 239 -21.24 18.89 12.94
CA GLY B 239 -19.83 18.54 13.08
C GLY B 239 -19.14 18.46 11.74
N SER B 240 -18.08 17.66 11.67
CA SER B 240 -17.32 17.48 10.44
C SER B 240 -16.86 16.02 10.24
N ALA B 241 -16.07 15.77 9.20
CA ALA B 241 -15.61 14.42 8.91
C ALA B 241 -14.91 13.77 10.10
N TYR B 242 -15.02 12.45 10.20
CA TYR B 242 -14.37 11.72 11.29
C TYR B 242 -13.83 10.33 10.91
N TYR B 243 -14.46 9.67 9.95
CA TYR B 243 -14.00 8.34 9.55
C TYR B 243 -12.59 8.33 8.95
N ALA B 244 -12.40 9.05 7.84
CA ALA B 244 -11.10 9.13 7.21
C ALA B 244 -10.11 9.82 8.16
N PRO B 245 -10.56 10.88 8.86
CA PRO B 245 -9.68 11.58 9.79
C PRO B 245 -9.13 10.65 10.87
N ALA B 246 -10.01 9.83 11.46
CA ALA B 246 -9.61 8.91 12.51
C ALA B 246 -8.62 7.88 11.99
N LEU B 247 -8.85 7.39 10.77
CA LEU B 247 -7.98 6.40 10.18
C LEU B 247 -6.63 7.01 9.81
N SER B 248 -6.65 8.27 9.40
CA SER B 248 -5.41 8.96 9.05
C SER B 248 -4.52 9.02 10.29
N ALA B 249 -5.10 9.51 11.39
CA ALA B 249 -4.36 9.63 12.64
C ALA B 249 -3.85 8.28 13.18
N ILE B 250 -4.70 7.26 13.15
CA ILE B 250 -4.31 5.95 13.65
C ILE B 250 -3.22 5.32 12.78
N THR B 251 -3.25 5.64 11.50
CA THR B 251 -2.24 5.10 10.59
C THR B 251 -0.88 5.70 10.97
N MET B 252 -0.88 6.97 11.36
CA MET B 252 0.36 7.63 11.77
C MET B 252 0.81 7.02 13.10
N ALA B 253 -0.15 6.85 14.01
CA ALA B 253 0.13 6.30 15.33
C ALA B 253 0.74 4.91 15.20
N GLN B 254 0.22 4.12 14.27
CA GLN B 254 0.72 2.77 14.08
C GLN B 254 2.14 2.79 13.48
N ALA B 255 2.39 3.73 12.57
CA ALA B 255 3.70 3.86 11.94
C ALA B 255 4.74 4.07 13.04
N PHE B 256 4.35 4.82 14.06
CA PHE B 256 5.25 5.08 15.19
C PHE B 256 5.41 3.83 16.06
N LEU B 257 4.28 3.34 16.58
CA LEU B 257 4.25 2.17 17.45
C LEU B 257 4.98 0.93 16.93
N LYS B 258 4.82 0.65 15.63
CA LYS B 258 5.46 -0.52 15.06
C LYS B 258 6.67 -0.15 14.20
N ASP B 259 7.15 1.08 14.35
CA ASP B 259 8.33 1.55 13.63
C ASP B 259 8.33 1.11 12.17
N GLU B 260 7.25 1.43 11.45
CA GLU B 260 7.11 1.03 10.06
C GLU B 260 7.86 1.91 9.06
N LYS B 261 8.12 3.15 9.44
CA LYS B 261 8.84 4.09 8.57
C LYS B 261 8.03 4.38 7.30
N ARG B 262 6.78 4.74 7.51
CA ARG B 262 5.86 5.07 6.42
C ARG B 262 5.99 6.53 6.04
N VAL B 263 5.76 6.83 4.76
CA VAL B 263 5.81 8.20 4.29
C VAL B 263 4.39 8.71 4.48
N LEU B 264 4.21 9.59 5.45
CA LEU B 264 2.90 10.14 5.75
C LEU B 264 2.99 11.66 5.96
N PRO B 265 2.56 12.44 4.96
CA PRO B 265 2.61 13.91 5.06
C PRO B 265 1.83 14.37 6.27
N CYS B 266 2.46 15.21 7.08
CA CYS B 266 1.83 15.74 8.29
C CYS B 266 2.51 17.07 8.64
N SER B 267 1.90 17.82 9.56
CA SER B 267 2.46 19.09 9.96
C SER B 267 3.66 18.83 10.86
N VAL B 268 4.84 19.25 10.43
CA VAL B 268 6.05 19.02 11.21
C VAL B 268 6.88 20.29 11.45
N TYR B 269 7.72 20.20 12.47
CA TYR B 269 8.60 21.31 12.86
C TYR B 269 9.62 21.61 11.77
N CYS B 270 9.65 22.86 11.32
CA CYS B 270 10.58 23.26 10.26
C CYS B 270 11.88 23.83 10.80
N GLN B 271 12.99 23.42 10.18
CA GLN B 271 14.30 23.92 10.55
C GLN B 271 15.17 24.05 9.31
N GLY B 272 14.68 24.85 8.37
CA GLY B 272 15.41 25.09 7.14
C GLY B 272 14.78 24.53 5.88
N GLU B 273 13.95 23.50 6.04
CA GLU B 273 13.30 22.90 4.88
C GLU B 273 12.46 23.94 4.16
N TYR B 274 12.66 24.08 2.85
CA TYR B 274 11.92 25.05 2.07
C TYR B 274 12.18 26.45 2.63
N GLY B 275 13.26 26.57 3.39
CA GLY B 275 13.64 27.84 3.99
C GLY B 275 12.80 28.31 5.17
N LEU B 276 12.10 27.38 5.82
CA LEU B 276 11.25 27.73 6.95
C LEU B 276 11.89 27.46 8.31
N HIS B 277 11.55 28.31 9.29
CA HIS B 277 12.09 28.19 10.64
C HIS B 277 11.03 28.45 11.70
N ASP B 278 11.16 27.75 12.82
CA ASP B 278 10.24 27.84 13.95
C ASP B 278 8.76 27.93 13.61
N MET B 279 8.26 26.88 12.96
CA MET B 279 6.85 26.80 12.62
C MET B 279 6.54 25.38 12.16
N PHE B 280 5.25 25.04 12.15
CA PHE B 280 4.81 23.73 11.70
C PHE B 280 3.99 23.95 10.44
N ILE B 281 4.11 23.03 9.50
CA ILE B 281 3.35 23.10 8.26
C ILE B 281 3.42 21.72 7.60
N GLY B 282 2.41 21.39 6.81
CA GLY B 282 2.36 20.10 6.16
C GLY B 282 3.48 19.84 5.17
N LEU B 283 4.22 18.77 5.40
CA LEU B 283 5.32 18.37 4.53
C LEU B 283 5.37 16.83 4.48
N PRO B 284 5.94 16.26 3.41
CA PRO B 284 6.01 14.80 3.35
C PRO B 284 6.99 14.39 4.42
N ALA B 285 6.62 13.43 5.25
CA ALA B 285 7.51 12.99 6.31
C ALA B 285 7.54 11.48 6.42
N VAL B 286 8.53 10.97 7.13
CA VAL B 286 8.69 9.55 7.34
C VAL B 286 8.50 9.31 8.83
N ILE B 287 7.46 8.56 9.18
CA ILE B 287 7.15 8.28 10.58
C ILE B 287 7.57 6.87 10.96
N GLY B 288 8.38 6.77 12.01
CA GLY B 288 8.85 5.51 12.51
C GLY B 288 8.98 5.53 14.02
N GLY B 289 9.73 4.58 14.58
CA GLY B 289 9.91 4.51 16.01
C GLY B 289 10.66 5.69 16.59
N GLY B 290 11.31 6.47 15.73
CA GLY B 290 12.04 7.63 16.22
C GLY B 290 11.20 8.89 16.10
N GLY B 291 9.91 8.71 15.83
CA GLY B 291 9.01 9.83 15.66
C GLY B 291 9.08 10.29 14.21
N ILE B 292 9.23 11.59 13.99
CA ILE B 292 9.37 12.11 12.63
C ILE B 292 10.85 11.85 12.34
N GLU B 293 11.14 10.82 11.55
CA GLU B 293 12.51 10.45 11.23
C GLU B 293 13.13 11.15 10.02
N GLN B 294 12.28 11.60 9.10
CA GLN B 294 12.74 12.30 7.91
C GLN B 294 11.71 13.31 7.44
N VAL B 295 12.19 14.45 6.98
CA VAL B 295 11.31 15.48 6.43
C VAL B 295 11.82 15.67 5.02
N ILE B 296 11.01 15.22 4.06
CA ILE B 296 11.37 15.30 2.67
C ILE B 296 11.18 16.70 2.07
N GLU B 297 12.25 17.22 1.47
CA GLU B 297 12.20 18.54 0.86
C GLU B 297 12.21 18.35 -0.65
N LEU B 298 11.05 18.54 -1.27
CA LEU B 298 10.89 18.36 -2.70
C LEU B 298 11.40 19.56 -3.51
N GLU B 299 11.97 19.27 -4.67
CA GLU B 299 12.48 20.31 -5.57
C GLU B 299 11.28 20.99 -6.24
N LEU B 300 10.66 21.92 -5.54
CA LEU B 300 9.49 22.62 -6.08
C LEU B 300 9.87 23.62 -7.17
N THR B 301 8.99 23.78 -8.16
CA THR B 301 9.23 24.73 -9.23
C THR B 301 8.84 26.09 -8.66
N HIS B 302 9.18 27.15 -9.38
CA HIS B 302 8.85 28.50 -8.92
C HIS B 302 7.34 28.60 -8.69
N GLU B 303 6.56 28.10 -9.65
CA GLU B 303 5.12 28.12 -9.60
C GLU B 303 4.57 27.43 -8.34
N GLU B 304 5.06 26.22 -8.08
CA GLU B 304 4.64 25.49 -6.89
C GLU B 304 5.11 26.27 -5.65
N GLN B 305 6.28 26.89 -5.74
CA GLN B 305 6.80 27.69 -4.62
C GLN B 305 5.87 28.87 -4.35
N GLU B 306 5.37 29.50 -5.41
CA GLU B 306 4.45 30.62 -5.26
C GLU B 306 3.25 30.16 -4.44
N CYS B 307 2.70 29.01 -4.84
CA CYS B 307 1.54 28.45 -4.15
C CYS B 307 1.88 28.09 -2.71
N PHE B 308 3.03 27.43 -2.52
CA PHE B 308 3.45 27.04 -1.19
C PHE B 308 3.64 28.24 -0.25
N ARG B 309 4.06 29.36 -0.83
CA ARG B 309 4.29 30.55 -0.03
C ARG B 309 2.98 31.13 0.48
N LYS B 310 1.92 31.02 -0.32
CA LYS B 310 0.60 31.49 0.09
C LYS B 310 0.13 30.61 1.25
N SER B 311 0.51 29.35 1.20
CA SER B 311 0.16 28.37 2.23
C SER B 311 0.87 28.78 3.52
N VAL B 312 2.15 29.10 3.41
CA VAL B 312 2.95 29.52 4.55
C VAL B 312 2.42 30.84 5.12
N ASP B 313 2.04 31.76 4.24
CA ASP B 313 1.52 33.05 4.69
C ASP B 313 0.36 32.87 5.65
N ASP B 314 -0.46 31.87 5.37
CA ASP B 314 -1.63 31.56 6.20
C ASP B 314 -1.26 31.12 7.61
N VAL B 315 -0.31 30.20 7.72
CA VAL B 315 0.11 29.71 9.03
C VAL B 315 0.80 30.82 9.80
N VAL B 316 1.59 31.62 9.09
CA VAL B 316 2.29 32.73 9.72
C VAL B 316 1.29 33.72 10.29
N GLU B 317 0.23 34.00 9.54
CA GLU B 317 -0.81 34.90 10.00
C GLU B 317 -1.49 34.34 11.26
N LEU B 318 -1.92 33.09 11.18
CA LEU B 318 -2.57 32.42 12.32
C LEU B 318 -1.67 32.44 13.55
N ASN B 319 -0.40 32.13 13.37
CA ASN B 319 0.54 32.14 14.48
C ASN B 319 0.64 33.52 15.09
N LYS B 320 0.42 34.56 14.28
CA LYS B 320 0.46 35.94 14.75
C LYS B 320 -0.79 36.19 15.58
N SER B 321 -1.93 35.76 15.04
CA SER B 321 -3.19 35.93 15.73
C SER B 321 -3.18 35.22 17.08
N LEU B 322 -2.41 34.13 17.17
CA LEU B 322 -2.30 33.37 18.40
C LEU B 322 -1.50 34.12 19.45
N ALA B 323 -0.34 34.64 19.04
CA ALA B 323 0.51 35.40 19.94
C ALA B 323 -0.25 36.64 20.41
N ALA B 324 -1.16 37.10 19.56
CA ALA B 324 -1.97 38.29 19.85
C ALA B 324 -3.14 37.98 20.79
N LEU B 325 -2.99 36.95 21.60
CA LEU B 325 -4.02 36.57 22.57
C LEU B 325 -3.49 36.63 24.00
#